data_4II2
#
_entry.id   4II2
#
_cell.length_a   81.600
_cell.length_b   111.200
_cell.length_c   181.300
_cell.angle_alpha   90.000
_cell.angle_beta   90.000
_cell.angle_gamma   90.000
#
_symmetry.space_group_name_H-M   'P 21 21 21'
#
loop_
_entity.id
_entity.type
_entity.pdbx_description
1 polymer 'Ubiquitin-activating enzyme E1 1'
2 polymer 'Ubiquitin-60S ribosomal protein L40'
3 polymer 'Ubiquitin-conjugating enzyme E2 4'
4 non-polymer 'MAGNESIUM ION'
5 non-polymer "ADENOSINE-5'-TRIPHOSPHATE"
6 non-polymer 2-(2-METHOXYETHOXY)ETHANOL
7 non-polymer 1,2-ETHANEDIOL
8 non-polymer 'SULFATE ION'
9 water water
#
loop_
_entity_poly.entity_id
_entity_poly.type
_entity_poly.pdbx_seq_one_letter_code
_entity_poly.pdbx_strand_id
1 'polypeptide(L)'
;SNTIDEGLYSRQLYVLGHEAMKQMSQSNVLIIGCKGLGVEIAKNVCLAGVKSVTLYDPQPTRIEDLSSQYFLTEDDIGVP
RAKVTVSKLAELNQYVPVSVVDELSTEYLKNFKCVVVTETSLTKQLEINDFTHKNHIAYIAADSRGLFGSIFCDFGENFI
CTDTDGNEPLTGMIASITDDGVVTMLEETRHGLENGDFVKFTEVKGMPGLNDGTPRKVEVKGPYTFSIGSVKDLGSAGYN
GVFTQVKVPTKISFKSLRESLKDPEYVYPDFGKMMRPPQYHIAFQALSAFADAHEGSLPRPRNDIDAAEFFEFCKKIAST
LQFDVELDEKLIKEISYQARGDLVAMSAFLGGAVAQEVLKATTSKFYPLKQYFYFDSLESLPSSVTISEETCKPRGCRYD
GQIAVFGSEFQEKIASLSTFLVGAGAIGCEMLKNWAMMGVATGESGHISVTDMDSIEKSNLNRQFLFRPRDVGKLKSECA
STAVSIMNPSLTGKITSYQERVGPESEGIFGDEFFEKLSLVTNALDNVEARMYVDRRCVFFEKPLLESGTLGTKGNTQVV
VPHLTESYGSSQDPPEKSFPICTLKNFPNRIEHTIAWARDLFEGLFKQPIDNVNMYLSSPNFLETSLKTSSNPREVLENI
RDYLVTEKPLSFEECIMWARLQFDKFFNNNIQQLLFNFPKDSVTSTGQPFWSGPKRAPTPLSFDIHNREHFDFIVAAASL
YAFNYGLKSETDPAIYERVLAGYNPPPFAPKSGIKIQVNENEEAPETAANKDKQELKSIADSLPPPSSLVGFRLTPAEFE
KDDDSNHHIDFITAASNLRAMNYDITPADRFKTKFVAGKIVPAMCTSTAVVSGLVCLELVKLVDGKKKIEEYKNGFFNLA
IGLFTFSDPIASPKMKVNGKEIDKIWDRYNLPDCTLQELIDYFQKEEGLEVTMLSSGVSLLYANFQPPKKLAERLPLKIS
ELVEQITKKKLEPFRKHLVLEICCDDANGEDVEVPFICIKL
;
A
2 'polypeptide(L)'
;MHHHHHHMQIFVRTLTGRTITLEVESSDTIDNVRARIQDREGIPPDQQRLIFAGRQLEDGRTLADYNIQRESTLHLVLRL
RGG
;
B
3 'polypeptide(L)'
;MALKRINRELADLGKDPPSSSSAGPVGDDLFHWQATIMGPADSPYAGGVFFLSIHFPTDYPFKPPKVNFTTRIYHPNINS
NGSICLDILRDQWSPALTISKVLLSISSLLTDPNPDDPLVPEIAHVYKTDRSRYELSAREWTRKYAIHGGEGAAALEHHH
HHH
;
C
#
loop_
_chem_comp.id
_chem_comp.type
_chem_comp.name
_chem_comp.formula
ATP non-polymer ADENOSINE-5'-TRIPHOSPHATE 'C10 H16 N5 O13 P3'
EDO non-polymer 1,2-ETHANEDIOL 'C2 H6 O2'
MG non-polymer 'MAGNESIUM ION' 'Mg 2'
PG0 non-polymer 2-(2-METHOXYETHOXY)ETHANOL 'C5 H12 O3'
SO4 non-polymer 'SULFATE ION' 'O4 S -2'
#
# COMPACT_ATOMS: atom_id res chain seq x y z
N ASN A 2 21.77 6.63 -20.60
CA ASN A 2 21.13 7.43 -21.69
C ASN A 2 19.61 7.29 -21.55
N THR A 3 18.92 7.05 -22.67
CA THR A 3 17.46 6.89 -22.63
C THR A 3 17.10 5.57 -21.96
N ILE A 4 16.44 5.65 -20.80
CA ILE A 4 16.05 4.48 -20.05
C ILE A 4 14.82 3.78 -20.63
N ASP A 5 14.82 2.45 -20.61
CA ASP A 5 13.69 1.67 -21.12
C ASP A 5 12.57 1.67 -20.09
N GLU A 6 11.70 2.67 -20.18
CA GLU A 6 10.58 2.81 -19.24
C GLU A 6 9.60 1.64 -19.29
N GLY A 7 9.51 0.99 -20.43
CA GLY A 7 8.60 -0.14 -20.58
C GLY A 7 9.01 -1.29 -19.68
N LEU A 8 10.32 -1.43 -19.47
CA LEU A 8 10.83 -2.50 -18.62
C LEU A 8 11.04 -2.04 -17.17
N TYR A 9 11.50 -0.81 -16.98
CA TYR A 9 11.82 -0.28 -15.64
C TYR A 9 10.78 0.53 -14.90
N SER A 10 9.66 0.80 -15.55
CA SER A 10 8.57 1.58 -14.96
C SER A 10 8.46 1.65 -13.43
N ARG A 11 8.01 0.56 -12.80
CA ARG A 11 7.82 0.53 -11.35
C ARG A 11 9.10 0.84 -10.55
N GLN A 12 10.24 0.37 -11.05
CA GLN A 12 11.49 0.63 -10.37
C GLN A 12 11.88 2.10 -10.52
N LEU A 13 11.58 2.67 -11.68
CA LEU A 13 11.88 4.07 -11.94
C LEU A 13 11.18 4.99 -10.94
N TYR A 14 10.00 4.57 -10.47
CA TYR A 14 9.25 5.39 -9.51
C TYR A 14 9.87 5.28 -8.13
N VAL A 15 10.85 4.40 -7.99
CA VAL A 15 11.53 4.25 -6.72
C VAL A 15 12.86 4.99 -6.77
N LEU A 16 13.65 4.71 -7.79
CA LEU A 16 14.99 5.29 -7.94
C LEU A 16 15.10 6.63 -8.69
N GLY A 17 14.31 6.81 -9.75
CA GLY A 17 14.38 8.04 -10.51
C GLY A 17 15.32 7.83 -11.70
N HIS A 18 15.11 8.62 -12.75
CA HIS A 18 15.92 8.53 -13.99
C HIS A 18 17.41 8.76 -13.80
N GLU A 19 17.73 9.82 -13.05
CA GLU A 19 19.12 10.17 -12.79
C GLU A 19 19.88 9.04 -12.13
N ALA A 20 19.28 8.43 -11.10
CA ALA A 20 19.92 7.34 -10.40
C ALA A 20 20.16 6.17 -11.33
N MET A 21 19.18 5.89 -12.17
CA MET A 21 19.34 4.78 -13.11
C MET A 21 20.38 5.08 -14.19
N LYS A 22 20.59 6.35 -14.51
CA LYS A 22 21.59 6.70 -15.52
C LYS A 22 22.98 6.40 -14.93
N GLN A 23 23.21 6.82 -13.69
CA GLN A 23 24.48 6.55 -13.04
C GLN A 23 24.69 5.05 -12.92
N MET A 24 23.62 4.33 -12.60
CA MET A 24 23.68 2.88 -12.47
C MET A 24 24.18 2.25 -13.78
N SER A 25 23.64 2.71 -14.91
CA SER A 25 24.02 2.14 -16.21
C SER A 25 25.49 2.36 -16.58
N GLN A 26 26.16 3.28 -15.89
CA GLN A 26 27.55 3.56 -16.17
C GLN A 26 28.43 2.93 -15.09
N SER A 27 27.83 2.06 -14.28
CA SER A 27 28.59 1.44 -13.18
C SER A 27 28.76 -0.05 -13.29
N ASN A 28 30.01 -0.50 -13.27
CA ASN A 28 30.30 -1.91 -13.31
C ASN A 28 30.34 -2.41 -11.87
N VAL A 29 29.92 -3.64 -11.65
CA VAL A 29 29.93 -4.22 -10.31
C VAL A 29 30.61 -5.59 -10.36
N LEU A 30 31.39 -5.87 -9.33
CA LEU A 30 32.09 -7.13 -9.24
C LEU A 30 31.54 -7.86 -8.02
N ILE A 31 31.25 -9.14 -8.17
CA ILE A 31 30.71 -9.92 -7.06
C ILE A 31 31.58 -11.13 -6.79
N ILE A 32 32.16 -11.18 -5.61
CA ILE A 32 33.02 -12.29 -5.24
C ILE A 32 32.15 -13.27 -4.46
N GLY A 33 32.09 -14.51 -4.94
CA GLY A 33 31.28 -15.53 -4.29
C GLY A 33 29.99 -15.80 -5.05
N CYS A 34 29.77 -17.06 -5.44
CA CYS A 34 28.57 -17.41 -6.19
C CYS A 34 27.75 -18.51 -5.56
N LYS A 35 27.66 -18.47 -4.25
CA LYS A 35 26.84 -19.44 -3.55
C LYS A 35 25.48 -18.76 -3.46
N GLY A 36 24.61 -19.26 -2.60
CA GLY A 36 23.29 -18.69 -2.47
C GLY A 36 23.25 -17.19 -2.29
N LEU A 37 24.03 -16.69 -1.34
CA LEU A 37 24.03 -15.26 -1.09
C LEU A 37 24.46 -14.43 -2.29
N GLY A 38 25.60 -14.80 -2.88
CA GLY A 38 26.12 -14.08 -4.02
C GLY A 38 25.23 -14.11 -5.24
N VAL A 39 24.57 -15.24 -5.51
CA VAL A 39 23.70 -15.32 -6.67
C VAL A 39 22.45 -14.46 -6.45
N GLU A 40 21.98 -14.38 -5.21
CA GLU A 40 20.81 -13.57 -4.94
C GLU A 40 21.15 -12.11 -5.17
N ILE A 41 22.33 -11.69 -4.69
CA ILE A 41 22.76 -10.32 -4.87
C ILE A 41 22.91 -10.04 -6.38
N ALA A 42 23.60 -10.94 -7.09
CA ALA A 42 23.81 -10.80 -8.53
C ALA A 42 22.49 -10.67 -9.26
N LYS A 43 21.54 -11.54 -8.90
CA LYS A 43 20.23 -11.51 -9.52
C LYS A 43 19.53 -10.17 -9.42
N ASN A 44 19.49 -9.61 -8.21
CA ASN A 44 18.83 -8.32 -8.02
C ASN A 44 19.56 -7.18 -8.72
N VAL A 45 20.89 -7.23 -8.72
CA VAL A 45 21.69 -6.21 -9.38
C VAL A 45 21.52 -6.31 -10.90
N CYS A 46 21.39 -7.53 -11.41
CA CYS A 46 21.18 -7.71 -12.85
C CYS A 46 19.83 -7.15 -13.26
N LEU A 47 18.79 -7.42 -12.46
CA LEU A 47 17.46 -6.91 -12.75
C LEU A 47 17.38 -5.38 -12.65
N ALA A 48 18.09 -4.83 -11.68
CA ALA A 48 18.08 -3.39 -11.45
C ALA A 48 18.62 -2.59 -12.64
N GLY A 49 19.62 -3.11 -13.32
CA GLY A 49 20.15 -2.40 -14.47
C GLY A 49 21.46 -1.65 -14.31
N VAL A 50 22.46 -2.26 -13.68
CA VAL A 50 23.75 -1.60 -13.58
C VAL A 50 24.43 -1.85 -14.92
N LYS A 51 25.62 -1.30 -15.14
CA LYS A 51 26.30 -1.48 -16.42
C LYS A 51 26.59 -2.93 -16.73
N SER A 52 27.24 -3.63 -15.80
CA SER A 52 27.55 -5.03 -16.03
C SER A 52 27.88 -5.69 -14.70
N VAL A 53 27.83 -7.02 -14.69
CA VAL A 53 28.15 -7.75 -13.48
C VAL A 53 29.26 -8.71 -13.81
N THR A 54 30.29 -8.72 -12.97
CA THR A 54 31.41 -9.62 -13.17
C THR A 54 31.45 -10.53 -11.96
N LEU A 55 31.56 -11.83 -12.22
CA LEU A 55 31.58 -12.81 -11.15
C LEU A 55 32.95 -13.42 -10.97
N TYR A 56 33.28 -13.72 -9.72
CA TYR A 56 34.53 -14.36 -9.41
C TYR A 56 34.25 -15.38 -8.32
N ASP A 57 34.45 -16.66 -8.65
CA ASP A 57 34.28 -17.75 -7.71
C ASP A 57 34.73 -19.01 -8.42
N PRO A 58 36.02 -19.34 -8.29
CA PRO A 58 36.59 -20.53 -8.93
C PRO A 58 36.34 -21.80 -8.13
N GLN A 59 35.70 -21.66 -6.97
CA GLN A 59 35.42 -22.83 -6.13
C GLN A 59 34.44 -23.78 -6.81
N PRO A 60 34.70 -25.10 -6.73
CA PRO A 60 33.81 -26.08 -7.34
C PRO A 60 32.45 -26.16 -6.68
N THR A 61 31.41 -26.44 -7.48
CA THR A 61 30.07 -26.58 -6.95
C THR A 61 29.99 -27.85 -6.11
N ARG A 62 29.43 -27.71 -4.90
CA ARG A 62 29.26 -28.83 -3.99
C ARG A 62 27.76 -29.07 -3.81
N ILE A 63 27.37 -30.30 -3.47
CA ILE A 63 25.94 -30.60 -3.32
C ILE A 63 25.22 -29.69 -2.33
N GLU A 64 25.88 -29.34 -1.22
CA GLU A 64 25.22 -28.47 -0.24
C GLU A 64 24.92 -27.08 -0.77
N ASP A 65 25.69 -26.59 -1.72
CA ASP A 65 25.45 -25.24 -2.27
C ASP A 65 24.07 -25.11 -2.88
N LEU A 66 23.46 -26.23 -3.26
CA LEU A 66 22.13 -26.19 -3.86
C LEU A 66 21.01 -25.85 -2.88
N SER A 67 21.31 -25.81 -1.59
CA SER A 67 20.30 -25.47 -0.59
C SER A 67 19.78 -24.05 -0.81
N SER A 68 20.59 -23.22 -1.46
CA SER A 68 20.21 -21.82 -1.72
C SER A 68 20.57 -21.29 -3.10
N GLN A 69 21.53 -21.92 -3.79
CA GLN A 69 21.92 -21.45 -5.11
C GLN A 69 21.03 -22.10 -6.17
N TYR A 70 19.91 -21.43 -6.45
CA TYR A 70 18.91 -21.93 -7.39
C TYR A 70 19.28 -21.99 -8.86
N PHE A 71 20.52 -21.64 -9.20
CA PHE A 71 20.94 -21.71 -10.59
C PHE A 71 21.90 -22.86 -10.81
N LEU A 72 22.19 -23.58 -9.74
CA LEU A 72 23.08 -24.74 -9.84
C LEU A 72 22.23 -26.01 -9.79
N THR A 73 22.68 -27.04 -10.51
CA THR A 73 21.97 -28.32 -10.54
C THR A 73 22.95 -29.40 -10.12
N GLU A 74 22.45 -30.58 -9.82
CA GLU A 74 23.32 -31.66 -9.40
C GLU A 74 24.35 -32.07 -10.46
N ASP A 75 24.08 -31.74 -11.72
CA ASP A 75 25.03 -32.07 -12.79
C ASP A 75 26.23 -31.12 -12.78
N ASP A 76 26.08 -29.97 -12.10
CA ASP A 76 27.15 -28.97 -12.03
C ASP A 76 28.11 -29.25 -10.88
N ILE A 77 27.79 -30.24 -10.06
CA ILE A 77 28.65 -30.59 -8.94
C ILE A 77 30.06 -30.88 -9.44
N GLY A 78 31.03 -30.17 -8.87
CA GLY A 78 32.42 -30.35 -9.26
C GLY A 78 32.90 -29.29 -10.24
N VAL A 79 31.99 -28.44 -10.70
CA VAL A 79 32.33 -27.38 -11.66
C VAL A 79 32.34 -26.01 -11.00
N PRO A 80 33.40 -25.22 -11.24
CA PRO A 80 33.48 -23.88 -10.64
C PRO A 80 32.14 -23.16 -10.69
N ARG A 81 31.68 -22.73 -9.51
CA ARG A 81 30.40 -22.05 -9.37
C ARG A 81 30.14 -20.84 -10.25
N ALA A 82 31.12 -19.95 -10.38
CA ALA A 82 30.92 -18.76 -11.20
C ALA A 82 30.66 -19.15 -12.67
N LYS A 83 31.38 -20.16 -13.16
CA LYS A 83 31.22 -20.61 -14.55
C LYS A 83 29.83 -21.18 -14.81
N VAL A 84 29.32 -21.94 -13.85
CA VAL A 84 28.00 -22.55 -13.99
C VAL A 84 26.87 -21.52 -13.95
N THR A 85 27.06 -20.50 -13.12
CA THR A 85 26.06 -19.45 -12.88
C THR A 85 25.93 -18.34 -13.91
N VAL A 86 27.04 -17.96 -14.56
CA VAL A 86 27.02 -16.85 -15.49
C VAL A 86 25.89 -16.80 -16.54
N SER A 87 25.69 -17.88 -17.28
CA SER A 87 24.65 -17.88 -18.32
C SER A 87 23.25 -17.68 -17.77
N LYS A 88 23.01 -18.13 -16.54
CA LYS A 88 21.70 -17.98 -15.93
C LYS A 88 21.43 -16.52 -15.61
N LEU A 89 22.42 -15.83 -15.04
CA LEU A 89 22.27 -14.42 -14.71
C LEU A 89 22.22 -13.58 -16.00
N ALA A 90 22.96 -14.01 -17.01
CA ALA A 90 22.99 -13.26 -18.27
C ALA A 90 21.60 -13.15 -18.87
N GLU A 91 20.76 -14.17 -18.66
CA GLU A 91 19.39 -14.21 -19.18
C GLU A 91 18.38 -13.27 -18.50
N LEU A 92 18.70 -12.78 -17.31
CA LEU A 92 17.78 -11.92 -16.57
C LEU A 92 17.50 -10.58 -17.23
N ASN A 93 18.55 -9.85 -17.56
CA ASN A 93 18.39 -8.53 -18.16
C ASN A 93 19.32 -8.40 -19.36
N GLN A 94 18.73 -8.27 -20.54
CA GLN A 94 19.49 -8.17 -21.78
C GLN A 94 20.36 -6.91 -21.78
N TYR A 95 20.01 -5.96 -20.92
CA TYR A 95 20.74 -4.71 -20.82
C TYR A 95 21.93 -4.79 -19.87
N VAL A 96 22.12 -5.95 -19.24
CA VAL A 96 23.22 -6.09 -18.30
C VAL A 96 24.06 -7.31 -18.63
N PRO A 97 25.24 -7.08 -19.23
CA PRO A 97 26.15 -8.17 -19.59
C PRO A 97 26.67 -8.76 -18.31
N VAL A 98 26.89 -10.07 -18.28
CA VAL A 98 27.41 -10.74 -17.10
C VAL A 98 28.62 -11.55 -17.55
N SER A 99 29.69 -11.55 -16.76
CA SER A 99 30.87 -12.32 -17.15
C SER A 99 31.61 -12.89 -15.94
N VAL A 100 32.57 -13.75 -16.22
CA VAL A 100 33.37 -14.40 -15.19
C VAL A 100 34.86 -14.07 -15.34
N VAL A 101 35.54 -13.90 -14.21
CA VAL A 101 37.00 -13.67 -14.20
C VAL A 101 37.55 -14.78 -13.34
N ASP A 102 38.59 -15.44 -13.84
CA ASP A 102 39.20 -16.54 -13.11
C ASP A 102 40.23 -16.10 -12.10
N GLU A 103 40.69 -14.86 -12.22
CA GLU A 103 41.71 -14.34 -11.32
C GLU A 103 41.49 -12.88 -11.00
N LEU A 104 41.87 -12.47 -9.80
CA LEU A 104 41.73 -11.08 -9.40
C LEU A 104 43.06 -10.46 -9.02
N SER A 105 43.15 -9.14 -9.19
CA SER A 105 44.34 -8.38 -8.83
C SER A 105 43.80 -7.05 -8.29
N THR A 106 44.58 -6.38 -7.44
CA THR A 106 44.15 -5.12 -6.87
C THR A 106 43.85 -4.08 -7.95
N GLU A 107 44.76 -3.95 -8.92
CA GLU A 107 44.59 -2.97 -9.99
C GLU A 107 43.36 -3.27 -10.85
N TYR A 108 42.96 -4.52 -10.89
CA TYR A 108 41.79 -4.92 -11.68
C TYR A 108 40.52 -4.37 -11.04
N LEU A 109 40.55 -4.17 -9.72
CA LEU A 109 39.39 -3.66 -8.99
C LEU A 109 38.99 -2.26 -9.42
N LYS A 110 39.90 -1.52 -10.04
CA LYS A 110 39.61 -0.16 -10.49
C LYS A 110 38.56 -0.12 -11.60
N ASN A 111 38.26 -1.27 -12.18
CA ASN A 111 37.25 -1.36 -13.23
C ASN A 111 35.83 -1.28 -12.66
N PHE A 112 35.71 -1.33 -11.33
CA PHE A 112 34.39 -1.33 -10.71
C PHE A 112 34.05 -0.17 -9.81
N LYS A 113 32.78 0.21 -9.83
CA LYS A 113 32.30 1.28 -8.98
C LYS A 113 32.00 0.67 -7.62
N CYS A 114 31.66 -0.61 -7.61
CA CYS A 114 31.33 -1.29 -6.36
C CYS A 114 31.82 -2.73 -6.36
N VAL A 115 32.42 -3.13 -5.25
CA VAL A 115 32.92 -4.50 -5.10
C VAL A 115 32.12 -5.18 -3.98
N VAL A 116 31.50 -6.31 -4.30
CA VAL A 116 30.71 -7.06 -3.31
C VAL A 116 31.49 -8.32 -2.99
N VAL A 117 31.67 -8.62 -1.70
CA VAL A 117 32.43 -9.82 -1.34
C VAL A 117 31.75 -10.74 -0.32
N THR A 118 31.56 -11.99 -0.72
CA THR A 118 30.94 -12.99 0.13
C THR A 118 31.86 -14.20 0.19
N GLU A 119 31.67 -15.04 1.20
CA GLU A 119 32.44 -16.26 1.39
C GLU A 119 33.95 -16.02 1.51
N THR A 120 34.35 -14.80 1.85
CA THR A 120 35.77 -14.47 1.94
C THR A 120 36.27 -14.25 3.36
N SER A 121 37.42 -14.82 3.67
CA SER A 121 38.02 -14.69 5.00
C SER A 121 38.33 -13.23 5.35
N LEU A 122 38.35 -12.94 6.64
CA LEU A 122 38.62 -11.60 7.12
C LEU A 122 39.94 -11.06 6.57
N THR A 123 40.98 -11.90 6.57
CA THR A 123 42.29 -11.47 6.10
C THR A 123 42.23 -11.03 4.63
N LYS A 124 41.47 -11.75 3.82
CA LYS A 124 41.34 -11.39 2.41
C LYS A 124 40.51 -10.11 2.26
N GLN A 125 39.53 -9.96 3.15
CA GLN A 125 38.69 -8.77 3.12
C GLN A 125 39.52 -7.54 3.41
N LEU A 126 40.37 -7.64 4.43
CA LEU A 126 41.24 -6.53 4.83
C LEU A 126 42.10 -6.07 3.65
N GLU A 127 42.69 -7.05 2.96
CA GLU A 127 43.52 -6.74 1.81
C GLU A 127 42.71 -6.08 0.71
N ILE A 128 41.52 -6.61 0.44
CA ILE A 128 40.68 -6.04 -0.61
C ILE A 128 40.21 -4.64 -0.25
N ASN A 129 39.68 -4.49 0.96
CA ASN A 129 39.18 -3.21 1.43
C ASN A 129 40.25 -2.15 1.58
N ASP A 130 41.47 -2.54 1.97
CA ASP A 130 42.55 -1.57 2.12
C ASP A 130 42.72 -0.80 0.81
N PHE A 131 42.67 -1.54 -0.29
CA PHE A 131 42.82 -0.97 -1.63
C PHE A 131 41.61 -0.15 -2.08
N THR A 132 40.42 -0.76 -1.99
CA THR A 132 39.20 -0.07 -2.42
C THR A 132 38.97 1.21 -1.65
N HIS A 133 39.24 1.18 -0.34
CA HIS A 133 39.01 2.36 0.48
C HIS A 133 39.83 3.55 0.02
N LYS A 134 41.09 3.32 -0.36
CA LYS A 134 41.92 4.42 -0.80
C LYS A 134 41.81 4.71 -2.30
N ASN A 135 41.08 3.88 -3.03
CA ASN A 135 40.93 4.11 -4.47
C ASN A 135 39.52 4.50 -4.87
N HIS A 136 38.77 5.09 -3.96
CA HIS A 136 37.40 5.54 -4.25
C HIS A 136 36.53 4.43 -4.84
N ILE A 137 36.57 3.24 -4.24
CA ILE A 137 35.78 2.12 -4.72
C ILE A 137 34.87 1.64 -3.59
N ALA A 138 33.56 1.64 -3.84
CA ALA A 138 32.58 1.20 -2.84
C ALA A 138 32.81 -0.28 -2.51
N TYR A 139 32.72 -0.60 -1.23
CA TYR A 139 32.95 -1.97 -0.78
C TYR A 139 31.83 -2.48 0.11
N ILE A 140 31.34 -3.68 -0.21
CA ILE A 140 30.29 -4.31 0.58
C ILE A 140 30.65 -5.77 0.79
N ALA A 141 30.56 -6.22 2.03
CA ALA A 141 30.83 -7.62 2.36
C ALA A 141 29.63 -8.16 3.15
N ALA A 142 29.22 -9.38 2.85
CA ALA A 142 28.10 -9.99 3.55
C ALA A 142 28.26 -11.49 3.58
N ASP A 143 27.73 -12.10 4.63
CA ASP A 143 27.78 -13.54 4.78
C ASP A 143 26.53 -14.06 5.45
N SER A 144 26.15 -15.26 5.02
CA SER A 144 24.97 -15.96 5.52
C SER A 144 25.50 -17.18 6.28
N ARG A 145 25.23 -17.24 7.57
CA ARG A 145 25.69 -18.37 8.39
C ARG A 145 24.53 -18.90 9.21
N GLY A 146 23.83 -19.88 8.64
CA GLY A 146 22.67 -20.43 9.33
C GLY A 146 21.63 -19.35 9.53
N LEU A 147 21.20 -19.19 10.79
CA LEU A 147 20.20 -18.19 11.14
C LEU A 147 20.84 -16.86 11.54
N PHE A 148 22.11 -16.68 11.19
CA PHE A 148 22.84 -15.45 11.49
C PHE A 148 23.32 -14.83 10.18
N GLY A 149 23.42 -13.50 10.16
CA GLY A 149 23.88 -12.82 8.96
C GLY A 149 24.59 -11.51 9.28
N SER A 150 25.48 -11.09 8.38
CA SER A 150 26.21 -9.83 8.55
C SER A 150 26.38 -9.09 7.24
N ILE A 151 26.39 -7.77 7.32
CA ILE A 151 26.60 -6.93 6.16
C ILE A 151 27.47 -5.77 6.63
N PHE A 152 28.49 -5.45 5.84
CA PHE A 152 29.39 -4.34 6.16
C PHE A 152 29.55 -3.49 4.90
N CYS A 153 29.38 -2.19 5.05
CA CYS A 153 29.50 -1.24 3.95
C CYS A 153 30.57 -0.20 4.22
N ASP A 154 31.36 0.10 3.20
CA ASP A 154 32.37 1.14 3.26
C ASP A 154 32.37 1.79 1.87
N PHE A 155 31.75 2.97 1.77
CA PHE A 155 31.69 3.68 0.50
C PHE A 155 32.72 4.82 0.44
N GLY A 156 33.83 4.69 1.17
CA GLY A 156 34.82 5.75 1.15
C GLY A 156 34.62 6.87 2.15
N GLU A 157 35.67 7.64 2.41
CA GLU A 157 35.60 8.74 3.37
C GLU A 157 34.85 9.99 2.93
N ASN A 158 34.58 10.14 1.64
CA ASN A 158 33.85 11.34 1.20
C ASN A 158 32.66 11.01 0.32
N PHE A 159 31.85 10.05 0.74
CA PHE A 159 30.66 9.67 -0.01
C PHE A 159 29.63 10.79 0.09
N ILE A 160 28.99 11.11 -1.03
CA ILE A 160 27.98 12.16 -1.05
C ILE A 160 26.62 11.52 -1.28
N CYS A 161 25.65 11.91 -0.47
CA CYS A 161 24.31 11.37 -0.58
C CYS A 161 23.37 12.52 -0.89
N THR A 162 22.75 12.49 -2.06
CA THR A 162 21.87 13.57 -2.46
C THR A 162 20.42 13.42 -2.01
N ASP A 163 20.09 12.26 -1.44
CA ASP A 163 18.73 11.98 -0.94
C ASP A 163 18.81 10.86 0.09
N THR A 164 18.62 11.24 1.36
CA THR A 164 18.71 10.31 2.47
C THR A 164 17.48 9.50 2.86
N ASP A 165 16.39 9.62 2.12
CA ASP A 165 15.19 8.85 2.48
C ASP A 165 14.18 8.64 1.36
N GLY A 166 14.35 9.33 0.25
CA GLY A 166 13.41 9.17 -0.84
C GLY A 166 12.07 9.85 -0.60
N ASN A 167 11.95 10.59 0.49
CA ASN A 167 10.69 11.28 0.77
C ASN A 167 10.56 12.58 -0.03
N GLU A 168 9.35 12.86 -0.49
CA GLU A 168 9.09 14.08 -1.22
C GLU A 168 9.37 15.26 -0.30
N PRO A 169 9.85 16.38 -0.85
CA PRO A 169 10.13 17.55 -0.01
C PRO A 169 8.85 18.03 0.66
N LEU A 170 8.96 18.47 1.91
CA LEU A 170 7.81 18.95 2.66
C LEU A 170 7.34 20.30 2.14
N THR A 171 6.02 20.48 2.07
CA THR A 171 5.42 21.71 1.58
C THR A 171 4.13 22.02 2.34
N GLY A 172 3.77 23.30 2.41
CA GLY A 172 2.57 23.70 3.12
C GLY A 172 2.25 25.17 2.93
N MET A 173 1.06 25.58 3.37
CA MET A 173 0.65 26.97 3.23
C MET A 173 0.94 27.79 4.49
N ILE A 174 1.38 29.03 4.31
CA ILE A 174 1.70 29.91 5.43
C ILE A 174 0.55 30.88 5.71
N ALA A 175 0.38 31.24 6.97
CA ALA A 175 -0.66 32.17 7.39
C ALA A 175 -0.04 33.53 7.70
N SER A 176 1.06 33.51 8.44
CA SER A 176 1.76 34.74 8.81
C SER A 176 3.17 34.46 9.31
N ILE A 177 4.07 35.41 9.10
CA ILE A 177 5.46 35.27 9.52
C ILE A 177 5.93 36.52 10.27
N THR A 178 5.95 36.44 11.60
CA THR A 178 6.39 37.58 12.41
C THR A 178 7.82 37.97 12.02
N ASP A 179 8.18 39.22 12.28
CA ASP A 179 9.50 39.74 11.96
C ASP A 179 10.55 38.95 12.73
N ASP A 180 10.10 38.21 13.74
CA ASP A 180 10.98 37.40 14.57
C ASP A 180 11.25 36.04 13.93
N GLY A 181 10.53 35.74 12.85
CA GLY A 181 10.71 34.49 12.14
C GLY A 181 9.76 33.38 12.54
N VAL A 182 8.79 33.70 13.39
CA VAL A 182 7.82 32.71 13.84
C VAL A 182 6.76 32.51 12.76
N VAL A 183 6.89 31.41 12.01
CA VAL A 183 5.96 31.11 10.94
C VAL A 183 4.80 30.24 11.45
N THR A 184 3.60 30.51 10.96
CA THR A 184 2.42 29.75 11.36
C THR A 184 1.65 29.25 10.16
N MET A 185 1.37 27.94 10.14
CA MET A 185 0.64 27.33 9.03
C MET A 185 -0.82 27.80 9.07
N LEU A 186 -1.59 27.38 8.07
CA LEU A 186 -3.01 27.74 8.03
C LEU A 186 -3.75 26.95 9.09
N GLU A 187 -5.02 27.30 9.32
CA GLU A 187 -5.85 26.64 10.31
C GLU A 187 -5.76 25.10 10.26
N GLU A 188 -5.23 24.51 11.33
CA GLU A 188 -5.11 23.06 11.41
C GLU A 188 -4.26 22.48 10.27
N THR A 189 -3.03 22.95 10.17
CA THR A 189 -2.11 22.48 9.12
C THR A 189 -0.75 22.19 9.74
N ARG A 190 -0.28 20.96 9.57
CA ARG A 190 1.01 20.56 10.09
C ARG A 190 2.06 20.71 9.00
N HIS A 191 3.19 21.31 9.37
CA HIS A 191 4.28 21.52 8.43
C HIS A 191 5.11 20.24 8.26
N GLY A 192 5.09 19.39 9.29
CA GLY A 192 5.83 18.14 9.25
C GLY A 192 7.35 18.26 9.24
N LEU A 193 7.85 19.47 9.44
CA LEU A 193 9.29 19.71 9.43
C LEU A 193 9.98 19.24 10.70
N GLU A 194 11.30 19.13 10.63
CA GLU A 194 12.10 18.70 11.77
C GLU A 194 13.26 19.69 11.92
N ASN A 195 13.80 19.78 13.13
CA ASN A 195 14.90 20.68 13.37
C ASN A 195 16.06 20.34 12.45
N GLY A 196 16.65 21.34 11.83
CA GLY A 196 17.77 21.12 10.94
C GLY A 196 17.41 21.17 9.47
N ASP A 197 16.14 20.95 9.15
CA ASP A 197 15.69 20.98 7.76
C ASP A 197 15.78 22.37 7.15
N PHE A 198 15.96 22.42 5.84
CA PHE A 198 16.06 23.68 5.12
C PHE A 198 14.84 23.89 4.24
N VAL A 199 14.29 25.09 4.27
CA VAL A 199 13.12 25.43 3.48
C VAL A 199 13.23 26.80 2.85
N LYS A 200 12.67 26.94 1.65
CA LYS A 200 12.66 28.19 0.94
C LYS A 200 11.19 28.62 0.91
N PHE A 201 10.90 29.77 0.32
CA PHE A 201 9.51 30.22 0.28
C PHE A 201 9.02 30.63 -1.10
N THR A 202 7.77 31.08 -1.15
CA THR A 202 7.13 31.51 -2.38
C THR A 202 5.76 32.09 -2.03
N GLU A 203 5.30 33.05 -2.82
CA GLU A 203 4.00 33.66 -2.60
C GLU A 203 3.87 34.33 -1.24
N VAL A 204 5.00 34.60 -0.59
CA VAL A 204 4.95 35.25 0.70
C VAL A 204 4.66 36.74 0.51
N LYS A 205 3.65 37.24 1.21
CA LYS A 205 3.27 38.65 1.11
C LYS A 205 3.61 39.38 2.41
N GLY A 206 4.64 40.22 2.35
CA GLY A 206 5.07 40.96 3.52
C GLY A 206 6.57 41.19 3.46
N MET A 207 7.27 40.26 2.82
CA MET A 207 8.72 40.33 2.66
C MET A 207 9.11 39.60 1.38
N PRO A 208 9.08 40.31 0.23
CA PRO A 208 9.44 39.68 -1.05
C PRO A 208 10.81 39.00 -1.03
N GLY A 209 11.55 39.20 0.05
CA GLY A 209 12.88 38.62 0.20
C GLY A 209 12.90 37.12 0.43
N LEU A 210 11.91 36.60 1.14
CA LEU A 210 11.84 35.17 1.41
C LEU A 210 11.59 34.39 0.13
N ASN A 211 10.86 35.00 -0.80
CA ASN A 211 10.54 34.36 -2.08
C ASN A 211 11.79 34.20 -2.94
N ASP A 212 12.89 34.69 -2.40
CA ASP A 212 14.19 34.63 -3.06
C ASP A 212 14.51 33.24 -3.62
N GLY A 213 14.61 32.27 -2.71
CA GLY A 213 14.93 30.92 -3.10
C GLY A 213 16.07 30.40 -2.24
N THR A 214 16.48 31.23 -1.29
CA THR A 214 17.57 30.89 -0.36
C THR A 214 17.00 30.10 0.82
N PRO A 215 17.31 28.80 0.91
CA PRO A 215 16.81 27.99 2.01
C PRO A 215 17.36 28.39 3.38
N ARG A 216 16.50 28.35 4.40
CA ARG A 216 16.88 28.69 5.77
C ARG A 216 16.78 27.48 6.69
N LYS A 217 17.36 27.59 7.88
CA LYS A 217 17.31 26.50 8.86
C LYS A 217 16.00 26.57 9.63
N VAL A 218 15.37 25.42 9.84
CA VAL A 218 14.11 25.36 10.55
C VAL A 218 14.29 25.07 12.04
N GLU A 219 13.48 25.73 12.85
CA GLU A 219 13.51 25.55 14.31
C GLU A 219 12.06 25.30 14.76
N VAL A 220 11.65 24.04 14.70
CA VAL A 220 10.29 23.66 15.08
C VAL A 220 9.90 24.10 16.49
N LYS A 221 8.71 24.68 16.61
CA LYS A 221 8.20 25.16 17.88
C LYS A 221 6.90 24.43 18.20
N GLY A 222 6.19 24.01 17.16
CA GLY A 222 4.94 23.29 17.33
C GLY A 222 4.53 22.61 16.03
N PRO A 223 3.55 21.69 16.05
CA PRO A 223 3.13 21.02 14.82
C PRO A 223 2.52 21.97 13.79
N TYR A 224 2.21 23.19 14.22
CA TYR A 224 1.61 24.19 13.35
C TYR A 224 2.50 25.42 13.19
N THR A 225 3.47 25.58 14.08
CA THR A 225 4.36 26.72 14.02
C THR A 225 5.82 26.30 14.11
N PHE A 226 6.71 27.16 13.59
CA PHE A 226 8.15 26.89 13.62
C PHE A 226 8.90 28.17 13.29
N SER A 227 10.11 28.30 13.81
CA SER A 227 10.94 29.50 13.59
C SER A 227 12.03 29.32 12.56
N ILE A 228 12.28 30.36 11.77
CA ILE A 228 13.31 30.34 10.74
C ILE A 228 14.42 31.36 11.05
N GLY A 229 14.09 32.32 11.90
CA GLY A 229 15.04 33.35 12.27
C GLY A 229 14.43 34.73 12.10
N SER A 230 14.99 35.72 12.80
CA SER A 230 14.47 37.08 12.72
C SER A 230 14.54 37.64 11.30
N VAL A 231 13.37 37.98 10.76
CA VAL A 231 13.26 38.53 9.43
C VAL A 231 12.88 40.01 9.55
N LYS A 232 13.43 40.67 10.56
CA LYS A 232 13.16 42.08 10.80
C LYS A 232 13.77 42.94 9.71
N ASP A 233 14.95 42.55 9.23
CA ASP A 233 15.65 43.27 8.18
C ASP A 233 14.71 43.72 7.07
N LEU A 234 13.97 42.77 6.49
CA LEU A 234 13.02 43.07 5.43
C LEU A 234 11.61 42.70 5.85
N GLY A 235 10.70 43.65 5.77
CA GLY A 235 9.31 43.38 6.15
C GLY A 235 9.12 43.24 7.65
N SER A 236 7.93 43.61 8.12
CA SER A 236 7.59 43.52 9.54
C SER A 236 6.70 42.32 9.80
N ALA A 237 5.92 41.93 8.80
CA ALA A 237 5.04 40.78 8.91
C ALA A 237 4.60 40.29 7.53
N GLY A 238 4.75 38.99 7.30
CA GLY A 238 4.36 38.40 6.03
C GLY A 238 3.12 37.55 6.20
N TYR A 239 2.57 37.08 5.09
CA TYR A 239 1.37 36.24 5.15
C TYR A 239 1.05 35.60 3.81
N ASN A 240 0.07 34.70 3.82
CA ASN A 240 -0.37 34.00 2.63
C ASN A 240 0.74 33.48 1.73
N GLY A 241 1.79 32.93 2.34
CA GLY A 241 2.89 32.39 1.56
C GLY A 241 2.88 30.87 1.55
N VAL A 242 3.97 30.28 1.06
CA VAL A 242 4.10 28.82 0.99
C VAL A 242 5.56 28.41 1.11
N PHE A 243 5.85 27.51 2.05
CA PHE A 243 7.22 27.06 2.22
C PHE A 243 7.41 25.73 1.49
N THR A 244 8.66 25.43 1.17
CA THR A 244 9.01 24.19 0.50
C THR A 244 10.40 23.80 0.95
N GLN A 245 10.49 22.61 1.52
CA GLN A 245 11.75 22.09 2.03
C GLN A 245 12.77 21.83 0.92
N VAL A 246 14.03 22.12 1.21
CA VAL A 246 15.10 21.90 0.26
C VAL A 246 15.99 20.76 0.78
N LYS A 247 16.18 19.73 -0.04
CA LYS A 247 16.99 18.58 0.32
C LYS A 247 18.44 18.79 -0.12
N VAL A 248 19.27 19.23 0.82
CA VAL A 248 20.69 19.49 0.56
C VAL A 248 21.55 18.23 0.65
N PRO A 249 22.48 18.05 -0.32
CA PRO A 249 23.36 16.89 -0.33
C PRO A 249 24.01 16.68 1.04
N THR A 250 24.41 15.45 1.32
CA THR A 250 25.04 15.11 2.60
C THR A 250 26.27 14.26 2.40
N LYS A 251 27.36 14.65 3.06
CA LYS A 251 28.61 13.90 3.00
C LYS A 251 28.59 12.86 4.10
N ILE A 252 28.86 11.62 3.76
CA ILE A 252 28.89 10.54 4.72
C ILE A 252 30.28 9.94 4.67
N SER A 253 30.98 9.98 5.80
CA SER A 253 32.34 9.46 5.84
C SER A 253 32.38 8.03 6.38
N PHE A 254 32.85 7.11 5.55
CA PHE A 254 32.95 5.71 5.93
C PHE A 254 34.37 5.35 6.34
N LYS A 255 34.49 4.56 7.39
CA LYS A 255 35.81 4.12 7.83
C LYS A 255 36.12 2.81 7.12
N SER A 256 37.39 2.51 6.94
CA SER A 256 37.78 1.27 6.28
C SER A 256 37.44 0.13 7.23
N LEU A 257 37.52 -1.10 6.71
CA LEU A 257 37.24 -2.29 7.50
C LEU A 257 38.29 -2.38 8.62
N ARG A 258 39.55 -2.27 8.22
CA ARG A 258 40.68 -2.33 9.15
C ARG A 258 40.55 -1.34 10.31
N GLU A 259 40.26 -0.07 10.01
CA GLU A 259 40.17 0.94 11.06
C GLU A 259 38.89 0.91 11.89
N SER A 260 37.89 0.14 11.46
CA SER A 260 36.64 0.08 12.22
C SER A 260 36.39 -1.22 12.95
N LEU A 261 37.29 -2.20 12.80
CA LEU A 261 37.14 -3.48 13.49
C LEU A 261 37.17 -3.32 15.00
N LYS A 262 37.97 -2.37 15.49
CA LYS A 262 38.09 -2.15 16.92
C LYS A 262 36.90 -1.40 17.49
N ASP A 263 36.35 -0.46 16.72
CA ASP A 263 35.19 0.31 17.19
C ASP A 263 34.15 0.45 16.08
N PRO A 264 33.44 -0.65 15.78
CA PRO A 264 32.41 -0.64 14.73
C PRO A 264 31.15 0.15 15.04
N GLU A 265 30.60 0.80 14.03
CA GLU A 265 29.36 1.54 14.19
C GLU A 265 28.28 0.55 13.73
N TYR A 266 27.34 0.22 14.62
CA TYR A 266 26.29 -0.74 14.31
C TYR A 266 24.96 -0.15 13.83
N VAL A 267 24.24 -0.96 13.08
CA VAL A 267 22.89 -0.63 12.64
C VAL A 267 22.12 -1.80 13.24
N TYR A 268 21.12 -1.49 14.07
CA TYR A 268 20.36 -2.54 14.73
C TYR A 268 19.07 -2.92 14.04
N PRO A 269 18.97 -4.19 13.60
CA PRO A 269 17.74 -4.66 12.94
C PRO A 269 16.64 -4.92 13.97
N ASP A 270 17.04 -5.14 15.22
CA ASP A 270 16.06 -5.41 16.27
C ASP A 270 16.44 -4.76 17.60
N PHE A 271 15.69 -3.74 18.01
CA PHE A 271 16.01 -3.05 19.26
C PHE A 271 15.73 -3.94 20.48
N GLY A 272 15.12 -5.10 20.26
CA GLY A 272 14.86 -6.02 21.35
C GLY A 272 16.06 -6.94 21.57
N LYS A 273 17.09 -6.78 20.74
CA LYS A 273 18.31 -7.59 20.81
C LYS A 273 19.55 -6.72 20.73
N MET A 274 19.44 -5.53 21.32
CA MET A 274 20.51 -4.54 21.34
C MET A 274 21.88 -5.08 21.73
N MET A 275 21.88 -6.13 22.56
CA MET A 275 23.13 -6.71 23.04
C MET A 275 23.82 -7.69 22.10
N ARG A 276 23.13 -8.14 21.04
CA ARG A 276 23.74 -9.13 20.15
C ARG A 276 24.77 -8.66 19.13
N PRO A 277 24.54 -7.52 18.44
CA PRO A 277 25.53 -7.08 17.46
C PRO A 277 26.98 -7.16 17.96
N PRO A 278 27.26 -6.65 19.18
CA PRO A 278 28.65 -6.73 19.66
C PRO A 278 29.12 -8.20 19.75
N GLN A 279 28.23 -9.09 20.19
CA GLN A 279 28.57 -10.50 20.30
C GLN A 279 28.82 -11.12 18.91
N TYR A 280 28.01 -10.73 17.93
CA TYR A 280 28.14 -11.27 16.58
C TYR A 280 29.39 -10.75 15.88
N HIS A 281 29.77 -9.50 16.19
CA HIS A 281 30.96 -8.92 15.59
C HIS A 281 32.15 -9.80 15.93
N ILE A 282 32.21 -10.26 17.18
CA ILE A 282 33.30 -11.12 17.63
C ILE A 282 33.21 -12.48 16.94
N ALA A 283 32.02 -13.08 16.99
CA ALA A 283 31.75 -14.39 16.42
C ALA A 283 32.10 -14.52 14.93
N PHE A 284 31.65 -13.59 14.10
CA PHE A 284 31.97 -13.69 12.67
C PHE A 284 33.47 -13.60 12.43
N GLN A 285 34.19 -12.87 13.29
CA GLN A 285 35.64 -12.79 13.14
C GLN A 285 36.23 -14.15 13.56
N ALA A 286 35.64 -14.77 14.59
CA ALA A 286 36.11 -16.06 15.07
C ALA A 286 35.92 -17.16 14.01
N LEU A 287 34.84 -17.07 13.23
CA LEU A 287 34.60 -18.06 12.20
C LEU A 287 35.76 -18.06 11.22
N SER A 288 36.17 -16.86 10.82
CA SER A 288 37.27 -16.68 9.87
C SER A 288 38.61 -17.15 10.45
N ALA A 289 38.82 -16.90 11.74
CA ALA A 289 40.04 -17.33 12.40
C ALA A 289 40.01 -18.86 12.53
N PHE A 290 38.82 -19.40 12.72
CA PHE A 290 38.67 -20.85 12.83
C PHE A 290 38.97 -21.48 11.48
N ALA A 291 38.37 -20.92 10.43
CA ALA A 291 38.59 -21.43 9.09
C ALA A 291 40.08 -21.45 8.76
N ASP A 292 40.81 -20.41 9.17
CA ASP A 292 42.24 -20.30 8.91
C ASP A 292 43.05 -21.43 9.54
N ALA A 293 42.55 -21.98 10.64
CA ALA A 293 43.24 -23.05 11.33
C ALA A 293 42.80 -24.41 10.81
N HIS A 294 41.84 -24.42 9.89
CA HIS A 294 41.31 -25.68 9.34
C HIS A 294 41.20 -25.67 7.82
N GLU A 295 42.16 -25.03 7.17
CA GLU A 295 42.20 -24.94 5.71
C GLU A 295 40.90 -24.44 5.10
N GLY A 296 40.35 -23.39 5.69
CA GLY A 296 39.12 -22.80 5.18
C GLY A 296 37.81 -23.45 5.56
N SER A 297 37.85 -24.56 6.27
CA SER A 297 36.60 -25.23 6.65
C SER A 297 35.97 -24.60 7.88
N LEU A 298 34.65 -24.54 7.89
CA LEU A 298 33.93 -23.97 9.01
C LEU A 298 33.62 -25.02 10.08
N PRO A 299 33.21 -24.58 11.27
CA PRO A 299 32.88 -25.55 12.32
C PRO A 299 31.78 -26.46 11.80
N ARG A 300 31.79 -27.72 12.23
CA ARG A 300 30.77 -28.67 11.78
C ARG A 300 29.45 -28.51 12.52
N PRO A 301 28.34 -28.90 11.86
CA PRO A 301 26.99 -28.80 12.43
C PRO A 301 26.82 -29.42 13.80
N ARG A 302 26.48 -28.59 14.78
CA ARG A 302 26.25 -29.02 16.15
C ARG A 302 27.42 -29.73 16.81
N ASN A 303 28.60 -29.62 16.19
CA ASN A 303 29.80 -30.25 16.72
C ASN A 303 30.37 -29.50 17.92
N ASP A 304 30.34 -30.13 19.09
CA ASP A 304 30.83 -29.51 20.32
C ASP A 304 32.31 -29.18 20.33
N ILE A 305 33.14 -30.06 19.79
CA ILE A 305 34.57 -29.83 19.77
C ILE A 305 34.89 -28.55 19.00
N ASP A 306 34.29 -28.41 17.83
CA ASP A 306 34.52 -27.21 17.03
C ASP A 306 34.03 -25.96 17.74
N ALA A 307 32.85 -26.05 18.36
CA ALA A 307 32.29 -24.90 19.06
C ALA A 307 33.18 -24.45 20.21
N ALA A 308 33.79 -25.40 20.91
CA ALA A 308 34.65 -25.08 22.04
C ALA A 308 35.91 -24.38 21.53
N GLU A 309 36.43 -24.85 20.39
CA GLU A 309 37.62 -24.23 19.83
C GLU A 309 37.20 -22.84 19.35
N PHE A 310 36.03 -22.78 18.72
CA PHE A 310 35.48 -21.54 18.20
C PHE A 310 35.32 -20.53 19.34
N PHE A 311 34.85 -21.00 20.50
CA PHE A 311 34.65 -20.11 21.63
C PHE A 311 35.99 -19.56 22.14
N GLU A 312 37.06 -20.33 22.01
CA GLU A 312 38.36 -19.86 22.44
C GLU A 312 38.80 -18.69 21.57
N PHE A 313 38.53 -18.79 20.27
CA PHE A 313 38.87 -17.71 19.35
C PHE A 313 38.08 -16.47 19.76
N CYS A 314 36.81 -16.67 20.12
CA CYS A 314 35.97 -15.55 20.51
C CYS A 314 36.56 -14.81 21.71
N LYS A 315 37.10 -15.53 22.68
CA LYS A 315 37.70 -14.92 23.86
C LYS A 315 38.91 -14.09 23.44
N LYS A 316 39.83 -14.71 22.71
CA LYS A 316 41.05 -14.04 22.24
C LYS A 316 40.75 -12.78 21.44
N ILE A 317 39.81 -12.89 20.52
CA ILE A 317 39.42 -11.77 19.68
C ILE A 317 38.78 -10.69 20.53
N ALA A 318 37.92 -11.08 21.46
CA ALA A 318 37.25 -10.13 22.33
C ALA A 318 38.29 -9.31 23.09
N SER A 319 39.28 -10.02 23.64
CA SER A 319 40.35 -9.38 24.39
C SER A 319 41.15 -8.41 23.54
N THR A 320 41.53 -8.88 22.35
CA THR A 320 42.33 -8.07 21.43
C THR A 320 41.70 -6.72 21.07
N LEU A 321 40.38 -6.67 20.97
CA LEU A 321 39.73 -5.42 20.64
C LEU A 321 39.12 -4.75 21.87
N GLN A 322 39.59 -5.18 23.04
CA GLN A 322 39.15 -4.64 24.32
C GLN A 322 37.63 -4.58 24.48
N PHE A 323 37.00 -5.75 24.50
CA PHE A 323 35.56 -5.84 24.66
C PHE A 323 35.23 -5.96 26.14
N ASP A 324 34.72 -4.88 26.71
CA ASP A 324 34.41 -4.88 28.13
C ASP A 324 33.07 -5.53 28.50
N VAL A 325 32.50 -6.29 27.57
CA VAL A 325 31.24 -6.96 27.84
C VAL A 325 31.36 -8.47 27.78
N GLU A 326 30.66 -9.15 28.68
CA GLU A 326 30.69 -10.60 28.74
C GLU A 326 30.15 -11.25 27.47
N LEU A 327 30.76 -12.37 27.09
CA LEU A 327 30.33 -13.10 25.93
C LEU A 327 29.22 -14.05 26.34
N ASP A 328 28.14 -14.09 25.55
CA ASP A 328 27.02 -14.97 25.82
C ASP A 328 27.41 -16.29 25.18
N GLU A 329 27.94 -17.21 25.97
CA GLU A 329 28.39 -18.50 25.48
C GLU A 329 27.35 -19.30 24.69
N LYS A 330 26.12 -19.39 25.20
CA LYS A 330 25.08 -20.14 24.49
C LYS A 330 24.79 -19.51 23.13
N LEU A 331 24.69 -18.18 23.12
CA LEU A 331 24.39 -17.45 21.90
C LEU A 331 25.51 -17.62 20.88
N ILE A 332 26.73 -17.32 21.30
CA ILE A 332 27.89 -17.41 20.43
C ILE A 332 28.14 -18.79 19.84
N LYS A 333 27.99 -19.83 20.65
CA LYS A 333 28.21 -21.17 20.16
C LYS A 333 27.20 -21.59 19.09
N GLU A 334 26.05 -20.92 19.06
CA GLU A 334 25.05 -21.24 18.05
C GLU A 334 25.60 -20.91 16.67
N ILE A 335 26.41 -19.85 16.58
CA ILE A 335 27.01 -19.43 15.32
C ILE A 335 27.97 -20.51 14.83
N SER A 336 28.62 -21.18 15.77
CA SER A 336 29.53 -22.27 15.43
C SER A 336 28.68 -23.47 15.00
N TYR A 337 27.67 -23.79 15.80
CA TYR A 337 26.80 -24.92 15.50
C TYR A 337 26.09 -24.77 14.16
N GLN A 338 25.81 -23.54 13.78
CA GLN A 338 25.10 -23.26 12.53
C GLN A 338 25.98 -22.67 11.43
N ALA A 339 27.29 -22.64 11.65
CA ALA A 339 28.21 -22.07 10.69
C ALA A 339 28.01 -22.52 9.25
N ARG A 340 27.84 -23.82 9.04
CA ARG A 340 27.67 -24.32 7.68
C ARG A 340 26.24 -24.20 7.19
N GLY A 341 25.36 -23.72 8.06
CA GLY A 341 23.98 -23.55 7.67
C GLY A 341 23.89 -22.61 6.47
N ASP A 342 23.12 -23.04 5.47
CA ASP A 342 22.92 -22.27 4.25
C ASP A 342 21.43 -22.24 3.95
N LEU A 343 20.75 -21.21 4.43
CA LEU A 343 19.30 -21.09 4.27
C LEU A 343 18.89 -20.13 3.16
N VAL A 344 18.00 -20.57 2.27
CA VAL A 344 17.59 -19.70 1.18
C VAL A 344 16.86 -18.45 1.71
N ALA A 345 16.19 -18.58 2.85
CA ALA A 345 15.49 -17.43 3.44
C ALA A 345 16.48 -16.35 3.86
N MET A 346 17.62 -16.77 4.40
CA MET A 346 18.66 -15.84 4.81
C MET A 346 19.34 -15.21 3.58
N SER A 347 19.47 -15.96 2.48
CA SER A 347 20.09 -15.39 1.29
C SER A 347 19.15 -14.37 0.65
N ALA A 348 17.86 -14.65 0.71
CA ALA A 348 16.85 -13.74 0.15
C ALA A 348 16.87 -12.43 0.94
N PHE A 349 16.86 -12.56 2.27
CA PHE A 349 16.88 -11.40 3.17
C PHE A 349 18.14 -10.54 3.01
N LEU A 350 19.31 -11.14 3.17
CA LEU A 350 20.55 -10.40 3.06
C LEU A 350 20.83 -10.00 1.62
N GLY A 351 20.56 -10.92 0.69
CA GLY A 351 20.79 -10.65 -0.72
C GLY A 351 20.03 -9.45 -1.23
N GLY A 352 18.75 -9.36 -0.88
CA GLY A 352 17.96 -8.22 -1.30
C GLY A 352 18.46 -6.94 -0.63
N ALA A 353 18.85 -7.02 0.64
CA ALA A 353 19.33 -5.83 1.33
C ALA A 353 20.66 -5.38 0.77
N VAL A 354 21.58 -6.32 0.53
CA VAL A 354 22.88 -5.94 -0.02
C VAL A 354 22.74 -5.33 -1.41
N ALA A 355 21.87 -5.91 -2.25
CA ALA A 355 21.68 -5.39 -3.59
C ALA A 355 21.23 -3.93 -3.54
N GLN A 356 20.43 -3.58 -2.55
CA GLN A 356 19.96 -2.21 -2.43
C GLN A 356 21.15 -1.30 -2.09
N GLU A 357 22.07 -1.81 -1.27
CA GLU A 357 23.26 -1.05 -0.89
C GLU A 357 24.12 -0.83 -2.14
N VAL A 358 24.25 -1.87 -2.97
CA VAL A 358 25.02 -1.75 -4.20
C VAL A 358 24.47 -0.58 -5.02
N LEU A 359 23.14 -0.48 -5.07
CA LEU A 359 22.51 0.60 -5.83
C LEU A 359 22.74 1.96 -5.17
N LYS A 360 22.85 1.98 -3.84
CA LYS A 360 23.10 3.23 -3.15
C LYS A 360 24.52 3.73 -3.46
N ALA A 361 25.47 2.81 -3.57
CA ALA A 361 26.85 3.15 -3.86
C ALA A 361 27.03 3.69 -5.27
N THR A 362 26.26 3.14 -6.21
CA THR A 362 26.34 3.54 -7.61
C THR A 362 25.36 4.66 -8.01
N THR A 363 24.69 5.27 -7.05
CA THR A 363 23.75 6.34 -7.37
C THR A 363 23.76 7.52 -6.41
N SER A 364 24.32 7.33 -5.22
CA SER A 364 24.34 8.36 -4.19
C SER A 364 22.93 8.68 -3.70
N LYS A 365 22.00 7.77 -3.94
CA LYS A 365 20.62 7.96 -3.47
C LYS A 365 20.32 6.97 -2.33
N PHE A 366 19.67 7.47 -1.27
CA PHE A 366 19.31 6.69 -0.07
C PHE A 366 20.49 6.55 0.90
N TYR A 367 20.20 6.50 2.19
CA TYR A 367 21.23 6.40 3.22
C TYR A 367 21.79 4.98 3.32
N PRO A 368 23.11 4.83 3.16
CA PRO A 368 23.74 3.50 3.24
C PRO A 368 23.82 2.93 4.64
N LEU A 369 23.99 1.61 4.75
CA LEU A 369 24.15 0.99 6.04
C LEU A 369 25.51 1.51 6.53
N LYS A 370 25.54 2.02 7.75
CA LYS A 370 26.76 2.59 8.28
C LYS A 370 26.97 2.18 9.74
N GLN A 371 27.78 1.14 9.98
CA GLN A 371 28.47 0.40 8.93
C GLN A 371 28.35 -1.12 9.05
N TYR A 372 28.08 -1.61 10.26
CA TYR A 372 27.98 -3.05 10.50
C TYR A 372 26.55 -3.44 10.84
N PHE A 373 26.00 -4.36 10.04
CA PHE A 373 24.64 -4.86 10.23
C PHE A 373 24.75 -6.35 10.59
N TYR A 374 24.39 -6.70 11.83
CA TYR A 374 24.44 -8.09 12.28
C TYR A 374 23.01 -8.52 12.60
N PHE A 375 22.60 -9.64 12.03
CA PHE A 375 21.22 -10.10 12.17
C PHE A 375 21.09 -11.59 12.52
N ASP A 376 19.98 -11.95 13.14
CA ASP A 376 19.72 -13.34 13.45
C ASP A 376 18.21 -13.51 13.39
N SER A 377 17.79 -14.75 13.20
CA SER A 377 16.38 -15.10 13.18
C SER A 377 16.42 -16.40 13.99
N LEU A 378 17.10 -16.32 15.13
CA LEU A 378 17.28 -17.47 16.00
C LEU A 378 16.00 -18.13 16.47
N GLU A 379 14.91 -17.37 16.54
CA GLU A 379 13.64 -17.95 16.96
C GLU A 379 13.13 -18.94 15.91
N SER A 380 13.75 -18.94 14.74
CA SER A 380 13.34 -19.85 13.68
C SER A 380 13.85 -21.26 13.91
N LEU A 381 14.77 -21.41 14.87
CA LEU A 381 15.34 -22.71 15.19
C LEU A 381 14.23 -23.66 15.68
N PRO A 382 14.08 -24.84 15.06
CA PRO A 382 13.04 -25.81 15.47
C PRO A 382 13.20 -26.28 16.92
N SER A 383 12.10 -26.56 17.59
CA SER A 383 12.18 -27.03 18.97
C SER A 383 11.40 -28.34 19.14
N SER A 384 10.56 -28.66 18.16
CA SER A 384 9.75 -29.87 18.20
C SER A 384 10.44 -31.09 17.62
N VAL A 385 11.73 -30.95 17.31
CA VAL A 385 12.49 -32.06 16.75
C VAL A 385 13.88 -32.05 17.37
N THR A 386 14.61 -33.13 17.15
CA THR A 386 15.94 -33.25 17.71
C THR A 386 16.98 -32.57 16.83
N ILE A 387 17.69 -31.62 17.43
CA ILE A 387 18.72 -30.88 16.73
C ILE A 387 20.04 -31.32 17.34
N SER A 388 20.78 -32.16 16.60
CA SER A 388 22.05 -32.65 17.09
C SER A 388 23.06 -32.81 15.97
N GLU A 389 24.28 -33.15 16.36
CA GLU A 389 25.34 -33.36 15.40
C GLU A 389 24.92 -34.46 14.45
N GLU A 390 24.17 -35.42 14.99
CA GLU A 390 23.70 -36.56 14.20
C GLU A 390 22.57 -36.17 13.24
N THR A 391 21.57 -35.44 13.72
CA THR A 391 20.46 -35.05 12.85
C THR A 391 20.81 -33.93 11.87
N CYS A 392 21.84 -33.16 12.19
CA CYS A 392 22.24 -32.04 11.34
C CYS A 392 23.39 -32.36 10.39
N LYS A 393 23.96 -33.55 10.51
CA LYS A 393 25.07 -33.93 9.65
C LYS A 393 24.65 -34.04 8.19
N PRO A 394 25.57 -33.75 7.26
CA PRO A 394 25.23 -33.84 5.84
C PRO A 394 24.91 -35.27 5.41
N ARG A 395 24.14 -35.39 4.33
CA ARG A 395 23.75 -36.69 3.81
C ARG A 395 24.04 -36.75 2.31
N GLY A 396 24.87 -35.83 1.82
CA GLY A 396 25.17 -35.80 0.40
C GLY A 396 23.85 -35.58 -0.31
N CYS A 397 23.15 -34.55 0.13
CA CYS A 397 21.84 -34.20 -0.38
C CYS A 397 21.82 -32.70 -0.69
N ARG A 398 20.99 -32.30 -1.64
CA ARG A 398 20.91 -30.89 -2.02
C ARG A 398 20.43 -29.98 -0.88
N TYR A 399 19.78 -30.58 0.12
CA TYR A 399 19.25 -29.82 1.25
C TYR A 399 20.20 -29.84 2.43
N ASP A 400 21.41 -30.36 2.22
CA ASP A 400 22.39 -30.42 3.30
C ASP A 400 22.62 -29.05 3.94
N GLY A 401 22.47 -27.98 3.17
CA GLY A 401 22.67 -26.64 3.70
C GLY A 401 21.61 -26.25 4.72
N GLN A 402 20.40 -26.74 4.50
CA GLN A 402 19.28 -26.46 5.40
C GLN A 402 19.27 -27.47 6.53
N ILE A 403 19.63 -28.71 6.21
CA ILE A 403 19.66 -29.77 7.21
C ILE A 403 20.67 -29.44 8.31
N ALA A 404 21.75 -28.77 7.93
CA ALA A 404 22.80 -28.38 8.87
C ALA A 404 22.23 -27.55 10.00
N VAL A 405 21.14 -26.85 9.72
CA VAL A 405 20.50 -26.02 10.73
C VAL A 405 19.26 -26.67 11.35
N PHE A 406 18.36 -27.14 10.49
CA PHE A 406 17.10 -27.73 10.98
C PHE A 406 17.07 -29.24 11.26
N GLY A 407 18.00 -30.00 10.70
CA GLY A 407 17.99 -31.44 10.92
C GLY A 407 17.23 -32.19 9.83
N SER A 408 17.42 -33.52 9.77
CA SER A 408 16.76 -34.33 8.75
C SER A 408 15.30 -34.58 9.06
N GLU A 409 14.97 -34.70 10.35
CA GLU A 409 13.60 -34.92 10.76
C GLU A 409 12.74 -33.74 10.28
N PHE A 410 13.20 -32.53 10.58
CA PHE A 410 12.47 -31.35 10.17
C PHE A 410 12.39 -31.28 8.64
N GLN A 411 13.39 -31.84 7.96
CA GLN A 411 13.40 -31.82 6.49
C GLN A 411 12.16 -32.51 5.93
N GLU A 412 11.71 -33.54 6.62
CA GLU A 412 10.53 -34.28 6.20
C GLU A 412 9.25 -33.48 6.43
N LYS A 413 9.17 -32.76 7.54
CA LYS A 413 7.97 -31.95 7.81
C LYS A 413 7.83 -30.92 6.70
N ILE A 414 8.95 -30.34 6.27
CA ILE A 414 8.94 -29.36 5.19
C ILE A 414 8.51 -30.03 3.89
N ALA A 415 9.08 -31.20 3.62
CA ALA A 415 8.75 -31.91 2.39
C ALA A 415 7.29 -32.35 2.32
N SER A 416 6.67 -32.56 3.47
CA SER A 416 5.28 -33.01 3.47
C SER A 416 4.25 -31.89 3.51
N LEU A 417 4.70 -30.63 3.51
CA LEU A 417 3.77 -29.50 3.54
C LEU A 417 2.86 -29.44 2.31
N SER A 418 1.64 -28.98 2.53
CA SER A 418 0.70 -28.78 1.44
C SER A 418 0.40 -27.27 1.52
N THR A 419 0.81 -26.52 0.50
CA THR A 419 0.61 -25.06 0.54
C THR A 419 -0.27 -24.43 -0.53
N PHE A 420 -0.76 -23.25 -0.20
CA PHE A 420 -1.59 -22.50 -1.12
C PHE A 420 -0.95 -21.11 -1.23
N LEU A 421 -0.52 -20.75 -2.43
CA LEU A 421 0.09 -19.45 -2.67
C LEU A 421 -0.87 -18.62 -3.50
N VAL A 422 -1.35 -17.51 -2.94
CA VAL A 422 -2.28 -16.66 -3.66
C VAL A 422 -1.54 -15.47 -4.29
N GLY A 423 -1.31 -15.57 -5.60
CA GLY A 423 -0.60 -14.53 -6.32
C GLY A 423 0.73 -15.03 -6.81
N ALA A 424 1.01 -14.84 -8.09
CA ALA A 424 2.28 -15.29 -8.66
C ALA A 424 3.00 -14.11 -9.29
N GLY A 425 2.95 -12.97 -8.60
CA GLY A 425 3.64 -11.78 -9.05
C GLY A 425 5.04 -11.72 -8.44
N ALA A 426 5.47 -10.52 -8.06
CA ALA A 426 6.80 -10.34 -7.48
C ALA A 426 7.02 -11.20 -6.23
N ILE A 427 6.21 -10.97 -5.20
CA ILE A 427 6.38 -11.76 -3.98
C ILE A 427 6.15 -13.23 -4.29
N GLY A 428 5.23 -13.52 -5.20
CA GLY A 428 4.95 -14.90 -5.55
C GLY A 428 6.14 -15.66 -6.10
N CYS A 429 6.87 -15.05 -7.04
CA CYS A 429 8.04 -15.67 -7.64
C CYS A 429 9.15 -15.96 -6.63
N GLU A 430 9.47 -14.98 -5.79
CA GLU A 430 10.52 -15.15 -4.79
C GLU A 430 10.16 -16.25 -3.80
N MET A 431 8.88 -16.29 -3.43
CA MET A 431 8.36 -17.29 -2.51
C MET A 431 8.48 -18.67 -3.14
N LEU A 432 8.04 -18.79 -4.39
CA LEU A 432 8.11 -20.07 -5.08
C LEU A 432 9.54 -20.54 -5.17
N LYS A 433 10.46 -19.60 -5.37
CA LYS A 433 11.86 -19.98 -5.43
C LYS A 433 12.34 -20.41 -4.06
N ASN A 434 11.88 -19.74 -3.01
CA ASN A 434 12.30 -20.10 -1.67
C ASN A 434 11.79 -21.50 -1.32
N TRP A 435 10.53 -21.77 -1.67
CA TRP A 435 9.92 -23.08 -1.39
C TRP A 435 10.69 -24.19 -2.11
N ALA A 436 11.09 -23.91 -3.36
CA ALA A 436 11.82 -24.88 -4.17
C ALA A 436 13.16 -25.23 -3.53
N MET A 437 13.90 -24.23 -3.08
CA MET A 437 15.20 -24.47 -2.46
C MET A 437 15.06 -25.17 -1.11
N MET A 438 13.95 -24.91 -0.42
CA MET A 438 13.70 -25.51 0.88
C MET A 438 13.22 -26.95 0.81
N GLY A 439 12.70 -27.36 -0.34
CA GLY A 439 12.21 -28.71 -0.48
C GLY A 439 10.78 -28.82 -0.01
N VAL A 440 10.09 -27.68 0.02
CA VAL A 440 8.70 -27.62 0.42
C VAL A 440 7.86 -28.44 -0.56
N ALA A 441 7.01 -29.31 0.00
CA ALA A 441 6.10 -30.13 -0.77
C ALA A 441 6.72 -31.20 -1.67
N THR A 442 8.00 -31.50 -1.49
CA THR A 442 8.63 -32.51 -2.32
C THR A 442 8.32 -33.93 -1.83
N GLY A 443 7.72 -34.03 -0.64
CA GLY A 443 7.39 -35.33 -0.06
C GLY A 443 6.11 -35.93 -0.58
N GLU A 444 5.91 -37.22 -0.29
CA GLU A 444 4.73 -37.96 -0.73
C GLU A 444 3.41 -37.23 -0.48
N SER A 445 3.20 -36.78 0.76
CA SER A 445 1.96 -36.08 1.08
C SER A 445 2.06 -34.58 0.79
N GLY A 446 3.20 -34.14 0.26
CA GLY A 446 3.36 -32.73 -0.02
C GLY A 446 2.75 -32.22 -1.33
N HIS A 447 2.52 -30.92 -1.42
CA HIS A 447 1.95 -30.34 -2.62
C HIS A 447 1.93 -28.81 -2.54
N ILE A 448 1.94 -28.18 -3.71
CA ILE A 448 1.87 -26.73 -3.80
C ILE A 448 0.79 -26.34 -4.80
N SER A 449 -0.11 -25.45 -4.39
CA SER A 449 -1.16 -24.96 -5.26
C SER A 449 -0.91 -23.45 -5.36
N VAL A 450 -0.75 -22.94 -6.57
CA VAL A 450 -0.55 -21.53 -6.76
C VAL A 450 -1.56 -21.04 -7.76
N THR A 451 -2.22 -19.91 -7.44
CA THR A 451 -3.23 -19.33 -8.32
C THR A 451 -3.01 -17.84 -8.56
N ASP A 452 -3.38 -17.41 -9.76
CA ASP A 452 -3.29 -16.01 -10.16
C ASP A 452 -4.03 -15.94 -11.49
N MET A 453 -4.89 -14.94 -11.66
CA MET A 453 -5.64 -14.80 -12.90
C MET A 453 -4.92 -13.91 -13.91
N ASP A 454 -3.80 -13.33 -13.51
CA ASP A 454 -3.05 -12.41 -14.35
C ASP A 454 -2.08 -13.05 -15.33
N SER A 455 -1.75 -12.29 -16.37
CA SER A 455 -0.79 -12.74 -17.39
C SER A 455 0.45 -11.85 -17.30
N ILE A 456 1.58 -12.39 -17.73
CA ILE A 456 2.86 -11.69 -17.69
C ILE A 456 2.95 -10.46 -18.59
N GLU A 457 3.39 -9.35 -18.02
CA GLU A 457 3.56 -8.11 -18.77
C GLU A 457 5.03 -7.70 -18.72
N LYS A 458 5.43 -6.87 -19.67
CA LYS A 458 6.81 -6.42 -19.77
C LYS A 458 7.39 -5.80 -18.49
N SER A 459 6.66 -4.87 -17.86
CA SER A 459 7.17 -4.24 -16.66
C SER A 459 7.28 -5.18 -15.46
N ASN A 460 6.67 -6.36 -15.55
CA ASN A 460 6.74 -7.35 -14.47
C ASN A 460 8.12 -7.98 -14.41
N LEU A 461 8.74 -8.14 -15.57
CA LEU A 461 10.05 -8.76 -15.68
C LEU A 461 11.13 -8.16 -14.80
N ASN A 462 11.02 -6.87 -14.52
CA ASN A 462 12.00 -6.18 -13.69
C ASN A 462 12.08 -6.71 -12.25
N ARG A 463 11.03 -7.37 -11.76
CA ARG A 463 11.05 -7.90 -10.39
C ARG A 463 10.35 -9.24 -10.18
N GLN A 464 10.05 -9.93 -11.29
CA GLN A 464 9.39 -11.23 -11.26
C GLN A 464 10.33 -12.11 -12.09
N PHE A 465 11.49 -12.40 -11.48
CA PHE A 465 12.57 -13.12 -12.13
C PHE A 465 12.36 -14.52 -12.65
N LEU A 466 11.17 -15.08 -12.44
CA LEU A 466 10.93 -16.41 -12.97
C LEU A 466 10.41 -16.28 -14.38
N PHE A 467 10.04 -15.07 -14.78
CA PHE A 467 9.54 -14.84 -16.13
C PHE A 467 10.59 -14.25 -17.07
N ARG A 468 10.41 -14.48 -18.36
CA ARG A 468 11.32 -13.97 -19.37
C ARG A 468 10.54 -13.22 -20.45
N PRO A 469 11.22 -12.35 -21.21
CA PRO A 469 10.56 -11.59 -22.27
C PRO A 469 9.69 -12.47 -23.19
N ARG A 470 10.14 -13.68 -23.46
CA ARG A 470 9.37 -14.58 -24.32
C ARG A 470 8.10 -15.08 -23.66
N ASP A 471 8.01 -14.93 -22.34
CA ASP A 471 6.83 -15.40 -21.62
C ASP A 471 5.74 -14.34 -21.54
N VAL A 472 6.04 -13.13 -21.99
CA VAL A 472 5.02 -12.08 -21.96
C VAL A 472 3.77 -12.60 -22.64
N GLY A 473 2.61 -12.32 -22.03
CA GLY A 473 1.35 -12.78 -22.61
C GLY A 473 0.92 -14.11 -22.05
N LYS A 474 1.80 -14.79 -21.31
CA LYS A 474 1.44 -16.07 -20.73
C LYS A 474 0.97 -15.92 -19.29
N LEU A 475 0.32 -16.96 -18.78
CA LEU A 475 -0.20 -16.96 -17.42
C LEU A 475 0.94 -17.07 -16.42
N LYS A 476 0.94 -16.16 -15.43
CA LYS A 476 1.97 -16.14 -14.40
C LYS A 476 2.09 -17.46 -13.64
N SER A 477 0.97 -17.92 -13.10
CA SER A 477 0.99 -19.16 -12.31
C SER A 477 1.60 -20.33 -13.06
N GLU A 478 1.17 -20.55 -14.30
CA GLU A 478 1.71 -21.65 -15.10
C GLU A 478 3.22 -21.53 -15.32
N CYS A 479 3.68 -20.36 -15.75
CA CYS A 479 5.10 -20.16 -15.99
C CYS A 479 5.94 -20.34 -14.74
N ALA A 480 5.47 -19.77 -13.63
CA ALA A 480 6.21 -19.86 -12.37
C ALA A 480 6.33 -21.31 -11.93
N SER A 481 5.26 -22.07 -12.07
CA SER A 481 5.28 -23.48 -11.68
C SER A 481 6.34 -24.23 -12.48
N THR A 482 6.36 -23.98 -13.78
CA THR A 482 7.33 -24.62 -14.65
C THR A 482 8.74 -24.20 -14.27
N ALA A 483 8.92 -22.92 -14.00
CA ALA A 483 10.24 -22.41 -13.64
C ALA A 483 10.83 -23.07 -12.41
N VAL A 484 10.04 -23.24 -11.35
CA VAL A 484 10.57 -23.86 -10.14
C VAL A 484 10.77 -25.35 -10.25
N SER A 485 10.07 -26.00 -11.19
CA SER A 485 10.25 -27.44 -11.38
C SER A 485 11.65 -27.65 -11.94
N ILE A 486 12.14 -26.64 -12.65
CA ILE A 486 13.48 -26.68 -13.22
C ILE A 486 14.51 -26.38 -12.12
N MET A 487 14.17 -25.49 -11.19
CA MET A 487 15.09 -25.16 -10.11
C MET A 487 15.24 -26.37 -9.20
N ASN A 488 14.13 -27.07 -8.98
CA ASN A 488 14.14 -28.27 -8.15
C ASN A 488 13.25 -29.32 -8.82
N PRO A 489 13.86 -30.26 -9.58
CA PRO A 489 13.10 -31.31 -10.28
C PRO A 489 12.17 -32.13 -9.40
N SER A 490 12.50 -32.27 -8.12
CA SER A 490 11.67 -33.02 -7.18
C SER A 490 10.26 -32.44 -7.07
N LEU A 491 10.05 -31.23 -7.59
CA LEU A 491 8.73 -30.59 -7.55
C LEU A 491 7.88 -30.94 -8.75
N THR A 492 8.46 -31.66 -9.70
CA THR A 492 7.75 -32.07 -10.90
C THR A 492 6.55 -32.92 -10.49
N GLY A 493 5.36 -32.48 -10.86
CA GLY A 493 4.14 -33.21 -10.51
C GLY A 493 3.67 -32.96 -9.09
N LYS A 494 4.34 -32.05 -8.39
CA LYS A 494 3.97 -31.73 -7.01
C LYS A 494 3.35 -30.34 -6.95
N ILE A 495 3.13 -29.73 -8.11
CA ILE A 495 2.56 -28.39 -8.17
C ILE A 495 1.38 -28.27 -9.11
N THR A 496 0.32 -27.64 -8.63
CA THR A 496 -0.88 -27.43 -9.43
C THR A 496 -1.06 -25.92 -9.56
N SER A 497 -1.13 -25.44 -10.79
CA SER A 497 -1.34 -24.00 -10.97
C SER A 497 -2.78 -23.73 -11.38
N TYR A 498 -3.31 -22.61 -10.91
CA TYR A 498 -4.68 -22.21 -11.22
C TYR A 498 -4.65 -20.81 -11.83
N GLN A 499 -5.69 -20.44 -12.55
CA GLN A 499 -5.73 -19.11 -13.14
C GLN A 499 -6.92 -18.37 -12.54
N GLU A 500 -7.26 -18.72 -11.31
CA GLU A 500 -8.39 -18.13 -10.60
C GLU A 500 -8.08 -16.94 -9.70
N ARG A 501 -9.02 -16.00 -9.68
CA ARG A 501 -8.91 -14.83 -8.82
C ARG A 501 -9.49 -15.30 -7.48
N VAL A 502 -8.66 -15.37 -6.45
CA VAL A 502 -9.17 -15.80 -5.16
C VAL A 502 -10.24 -14.82 -4.70
N GLY A 503 -11.38 -15.36 -4.27
CA GLY A 503 -12.48 -14.53 -3.81
C GLY A 503 -13.78 -15.32 -3.81
N PRO A 504 -14.93 -14.65 -3.63
CA PRO A 504 -16.26 -15.26 -3.61
C PRO A 504 -16.57 -16.14 -4.81
N GLU A 505 -16.29 -15.64 -6.01
CA GLU A 505 -16.57 -16.38 -7.24
C GLU A 505 -15.77 -17.66 -7.47
N SER A 506 -14.73 -17.89 -6.69
CA SER A 506 -13.92 -19.08 -6.89
C SER A 506 -14.03 -20.07 -5.74
N GLU A 507 -15.00 -19.84 -4.85
CA GLU A 507 -15.19 -20.73 -3.71
C GLU A 507 -15.60 -22.13 -4.16
N GLY A 508 -15.96 -22.25 -5.42
CA GLY A 508 -16.34 -23.55 -5.95
C GLY A 508 -15.09 -24.40 -6.11
N ILE A 509 -14.00 -23.77 -6.55
CA ILE A 509 -12.72 -24.45 -6.74
C ILE A 509 -11.92 -24.54 -5.44
N PHE A 510 -11.85 -23.43 -4.72
CA PHE A 510 -11.12 -23.37 -3.47
C PHE A 510 -12.10 -23.47 -2.29
N GLY A 511 -12.81 -24.60 -2.22
CA GLY A 511 -13.79 -24.79 -1.18
C GLY A 511 -13.28 -25.55 0.03
N ASP A 512 -14.22 -26.16 0.77
CA ASP A 512 -13.89 -26.91 1.98
C ASP A 512 -12.91 -28.06 1.78
N GLU A 513 -13.11 -28.84 0.72
CA GLU A 513 -12.23 -29.96 0.46
C GLU A 513 -10.81 -29.49 0.18
N PHE A 514 -10.71 -28.45 -0.64
CA PHE A 514 -9.43 -27.85 -1.01
C PHE A 514 -8.67 -27.40 0.22
N PHE A 515 -9.35 -26.62 1.06
CA PHE A 515 -8.73 -26.09 2.29
C PHE A 515 -8.35 -27.10 3.33
N GLU A 516 -9.24 -28.04 3.60
CA GLU A 516 -9.01 -29.05 4.61
C GLU A 516 -7.63 -29.71 4.52
N LYS A 517 -7.14 -29.92 3.32
CA LYS A 517 -5.86 -30.58 3.15
C LYS A 517 -4.65 -29.67 3.22
N LEU A 518 -4.88 -28.36 3.25
CA LEU A 518 -3.78 -27.39 3.31
C LEU A 518 -3.13 -27.33 4.68
N SER A 519 -1.81 -27.14 4.69
CA SER A 519 -1.04 -26.99 5.90
C SER A 519 -1.03 -25.48 6.24
N LEU A 520 -1.00 -24.66 5.21
CA LEU A 520 -0.96 -23.21 5.42
C LEU A 520 -1.19 -22.44 4.13
N VAL A 521 -1.58 -21.18 4.27
CA VAL A 521 -1.82 -20.31 3.13
C VAL A 521 -0.78 -19.17 3.14
N THR A 522 -0.29 -18.81 1.98
CA THR A 522 0.68 -17.71 1.86
C THR A 522 0.15 -16.70 0.84
N ASN A 523 -0.03 -15.45 1.29
CA ASN A 523 -0.52 -14.39 0.41
C ASN A 523 0.62 -13.68 -0.27
N ALA A 524 0.39 -13.28 -1.52
CA ALA A 524 1.39 -12.53 -2.29
C ALA A 524 0.54 -11.59 -3.16
N LEU A 525 -0.39 -10.89 -2.51
CA LEU A 525 -1.34 -10.01 -3.17
C LEU A 525 -0.97 -8.52 -3.23
N ASP A 526 -1.66 -7.81 -4.13
CA ASP A 526 -1.42 -6.38 -4.31
C ASP A 526 -2.65 -5.53 -4.02
N ASN A 527 -3.57 -6.04 -3.21
CA ASN A 527 -4.75 -5.26 -2.84
C ASN A 527 -5.29 -5.75 -1.50
N VAL A 528 -5.83 -4.83 -0.72
CA VAL A 528 -6.33 -5.16 0.60
C VAL A 528 -7.58 -6.03 0.58
N GLU A 529 -8.41 -5.84 -0.44
CA GLU A 529 -9.65 -6.61 -0.60
C GLU A 529 -9.42 -8.13 -0.62
N ALA A 530 -8.47 -8.58 -1.42
CA ALA A 530 -8.17 -10.00 -1.50
C ALA A 530 -7.54 -10.48 -0.19
N ARG A 531 -6.72 -9.64 0.44
CA ARG A 531 -6.08 -10.00 1.69
C ARG A 531 -7.13 -10.28 2.77
N MET A 532 -8.13 -9.40 2.87
CA MET A 532 -9.20 -9.54 3.85
C MET A 532 -10.01 -10.80 3.58
N TYR A 533 -10.26 -11.07 2.29
CA TYR A 533 -11.01 -12.26 1.91
C TYR A 533 -10.29 -13.54 2.33
N VAL A 534 -9.00 -13.64 1.98
CA VAL A 534 -8.23 -14.82 2.33
C VAL A 534 -8.17 -15.00 3.84
N ASP A 535 -7.96 -13.89 4.55
CA ASP A 535 -7.90 -13.88 6.01
C ASP A 535 -9.19 -14.48 6.60
N ARG A 536 -10.35 -14.05 6.08
CA ARG A 536 -11.62 -14.56 6.55
C ARG A 536 -11.72 -16.06 6.38
N ARG A 537 -11.31 -16.54 5.21
CA ARG A 537 -11.37 -17.97 4.92
C ARG A 537 -10.41 -18.77 5.80
N CYS A 538 -9.24 -18.21 6.09
CA CYS A 538 -8.29 -18.92 6.94
C CYS A 538 -8.83 -19.01 8.36
N VAL A 539 -9.52 -17.97 8.80
CA VAL A 539 -10.12 -17.98 10.12
C VAL A 539 -11.19 -19.07 10.17
N PHE A 540 -12.00 -19.16 9.12
CA PHE A 540 -13.06 -20.16 9.07
C PHE A 540 -12.49 -21.60 9.08
N PHE A 541 -11.51 -21.86 8.20
CA PHE A 541 -10.91 -23.18 8.13
C PHE A 541 -9.80 -23.41 9.15
N GLU A 542 -9.53 -22.40 9.97
CA GLU A 542 -8.48 -22.50 10.99
C GLU A 542 -7.14 -22.93 10.40
N LYS A 543 -6.70 -22.21 9.38
CA LYS A 543 -5.43 -22.47 8.71
C LYS A 543 -4.49 -21.29 8.93
N PRO A 544 -3.20 -21.56 9.14
CA PRO A 544 -2.24 -20.47 9.34
C PRO A 544 -2.14 -19.63 8.07
N LEU A 545 -1.84 -18.35 8.25
CA LEU A 545 -1.69 -17.45 7.12
C LEU A 545 -0.41 -16.63 7.25
N LEU A 546 0.39 -16.65 6.19
CA LEU A 546 1.63 -15.88 6.13
C LEU A 546 1.31 -14.73 5.18
N GLU A 547 1.32 -13.51 5.68
CA GLU A 547 0.99 -12.33 4.87
C GLU A 547 2.20 -11.39 4.69
N SER A 548 2.26 -10.72 3.54
CA SER A 548 3.35 -9.77 3.28
C SER A 548 2.99 -8.71 2.25
N GLY A 549 3.74 -7.61 2.25
CA GLY A 549 3.49 -6.54 1.31
C GLY A 549 4.73 -5.69 1.08
N THR A 550 4.74 -4.94 -0.02
CA THR A 550 5.85 -4.05 -0.36
C THR A 550 5.30 -2.74 -0.90
N LEU A 551 6.16 -1.72 -0.87
CA LEU A 551 5.84 -0.40 -1.41
C LEU A 551 7.19 0.28 -1.55
N GLY A 552 7.69 0.32 -2.78
CA GLY A 552 8.99 0.92 -3.03
C GLY A 552 10.09 0.14 -2.35
N THR A 553 10.80 0.79 -1.43
CA THR A 553 11.87 0.14 -0.69
C THR A 553 11.35 -0.37 0.63
N LYS A 554 10.05 -0.19 0.85
CA LYS A 554 9.43 -0.63 2.11
C LYS A 554 8.76 -1.99 2.00
N GLY A 555 8.53 -2.61 3.16
CA GLY A 555 7.90 -3.92 3.20
C GLY A 555 7.50 -4.34 4.60
N ASN A 556 6.66 -5.37 4.68
CA ASN A 556 6.19 -5.89 5.97
C ASN A 556 5.71 -7.33 5.84
N THR A 557 5.72 -8.04 6.96
CA THR A 557 5.27 -9.42 7.01
C THR A 557 4.37 -9.60 8.22
N GLN A 558 3.33 -10.43 8.10
CA GLN A 558 2.48 -10.69 9.24
C GLN A 558 2.16 -12.18 9.26
N VAL A 559 2.17 -12.76 10.46
CA VAL A 559 1.83 -14.16 10.59
C VAL A 559 0.55 -14.29 11.42
N VAL A 560 -0.38 -15.09 10.91
CA VAL A 560 -1.65 -15.33 11.58
C VAL A 560 -1.69 -16.81 11.98
N VAL A 561 -1.74 -17.08 13.28
CA VAL A 561 -1.75 -18.44 13.80
C VAL A 561 -3.08 -18.77 14.49
N PRO A 562 -3.79 -19.81 14.00
CA PRO A 562 -5.07 -20.22 14.57
C PRO A 562 -5.04 -20.39 16.08
N HIS A 563 -6.00 -19.77 16.78
CA HIS A 563 -6.14 -19.84 18.23
C HIS A 563 -4.99 -19.25 19.02
N LEU A 564 -4.18 -18.43 18.36
CA LEU A 564 -3.03 -17.81 19.01
C LEU A 564 -2.96 -16.30 18.76
N THR A 565 -3.01 -15.89 17.49
CA THR A 565 -2.90 -14.48 17.14
C THR A 565 -4.18 -13.86 16.61
N GLU A 566 -4.21 -12.54 16.51
CA GLU A 566 -5.37 -11.90 15.91
C GLU A 566 -5.17 -12.19 14.41
N SER A 567 -6.12 -11.83 13.58
CA SER A 567 -5.98 -12.08 12.14
C SER A 567 -5.65 -10.77 11.43
N TYR A 568 -5.42 -10.85 10.12
CA TYR A 568 -5.10 -9.67 9.33
C TYR A 568 -6.15 -8.58 9.49
N GLY A 569 -7.41 -8.96 9.32
CA GLY A 569 -8.51 -8.00 9.44
C GLY A 569 -8.76 -7.47 10.84
N SER A 570 -8.03 -7.95 11.83
CA SER A 570 -8.23 -7.48 13.21
C SER A 570 -7.72 -6.07 13.46
N SER A 571 -6.92 -5.53 12.55
CA SER A 571 -6.37 -4.19 12.74
C SER A 571 -6.66 -3.24 11.58
N GLN A 572 -6.54 -1.96 11.86
CA GLN A 572 -6.81 -0.92 10.87
C GLN A 572 -5.58 -0.35 10.15
N ASP A 573 -5.78 -0.01 8.88
CA ASP A 573 -4.75 0.58 8.04
C ASP A 573 -5.25 1.93 7.52
N PRO A 574 -4.34 2.82 7.11
CA PRO A 574 -4.82 4.10 6.61
C PRO A 574 -5.68 3.89 5.36
N PRO A 575 -6.63 4.80 5.09
CA PRO A 575 -7.50 4.68 3.93
C PRO A 575 -6.75 5.05 2.65
N GLU A 576 -7.27 4.61 1.51
CA GLU A 576 -6.62 4.93 0.24
C GLU A 576 -6.70 6.45 0.07
N LYS A 577 -5.77 7.01 -0.72
CA LYS A 577 -5.74 8.46 -0.93
C LYS A 577 -7.03 8.99 -1.55
N SER A 578 -7.58 10.05 -0.96
CA SER A 578 -8.81 10.66 -1.49
C SER A 578 -8.74 12.17 -1.33
N PHE A 579 -9.64 12.88 -2.03
CA PHE A 579 -9.67 14.34 -1.97
C PHE A 579 -11.10 14.85 -1.82
N PRO A 580 -11.27 15.99 -1.13
CA PRO A 580 -12.59 16.60 -0.92
C PRO A 580 -13.21 16.91 -2.27
N ILE A 581 -14.48 16.55 -2.43
CA ILE A 581 -15.20 16.77 -3.67
C ILE A 581 -15.23 18.24 -4.07
N CYS A 582 -15.38 19.12 -3.08
CA CYS A 582 -15.43 20.55 -3.33
C CYS A 582 -14.08 21.08 -3.83
N THR A 583 -13.00 20.51 -3.32
CA THR A 583 -11.66 20.90 -3.74
C THR A 583 -11.45 20.54 -5.21
N LEU A 584 -11.76 19.31 -5.58
CA LEU A 584 -11.58 18.87 -6.96
C LEU A 584 -12.43 19.65 -7.99
N LYS A 585 -13.68 19.92 -7.64
CA LYS A 585 -14.59 20.61 -8.54
C LYS A 585 -14.26 22.05 -8.93
N ASN A 586 -13.89 22.87 -7.96
CA ASN A 586 -13.61 24.27 -8.24
C ASN A 586 -12.41 24.90 -7.56
N PHE A 587 -11.79 24.17 -6.63
CA PHE A 587 -10.67 24.75 -5.90
C PHE A 587 -9.40 23.91 -5.76
N PRO A 588 -8.83 23.47 -6.88
CA PRO A 588 -7.61 22.67 -6.82
C PRO A 588 -6.43 23.54 -6.37
N ASN A 589 -5.43 22.93 -5.74
CA ASN A 589 -4.25 23.67 -5.30
C ASN A 589 -2.98 22.80 -5.30
N ARG A 590 -3.13 21.56 -5.78
CA ARG A 590 -2.02 20.61 -5.89
C ARG A 590 -2.21 19.90 -7.22
N ILE A 591 -1.13 19.41 -7.82
CA ILE A 591 -1.24 18.75 -9.11
C ILE A 591 -2.09 17.48 -9.05
N GLU A 592 -2.15 16.84 -7.89
CA GLU A 592 -2.95 15.64 -7.72
C GLU A 592 -4.43 15.96 -7.93
N HIS A 593 -4.83 17.17 -7.53
CA HIS A 593 -6.22 17.61 -7.68
C HIS A 593 -6.63 17.77 -9.15
N THR A 594 -5.72 18.26 -9.99
CA THR A 594 -6.05 18.46 -11.41
C THR A 594 -5.92 17.15 -12.20
N ILE A 595 -5.10 16.23 -11.70
CA ILE A 595 -4.94 14.94 -12.37
C ILE A 595 -6.20 14.07 -12.11
N ALA A 596 -6.77 14.20 -10.91
CA ALA A 596 -7.99 13.45 -10.57
C ALA A 596 -9.14 14.04 -11.39
N TRP A 597 -9.18 15.36 -11.46
CA TRP A 597 -10.20 16.06 -12.23
C TRP A 597 -10.10 15.61 -13.69
N ALA A 598 -8.87 15.58 -14.20
CA ALA A 598 -8.61 15.18 -15.58
C ALA A 598 -9.02 13.74 -15.88
N ARG A 599 -8.82 12.83 -14.91
CA ARG A 599 -9.21 11.43 -15.11
C ARG A 599 -10.72 11.35 -15.28
N ASP A 600 -11.43 12.09 -14.43
CA ASP A 600 -12.88 12.14 -14.45
C ASP A 600 -13.37 12.76 -15.78
N LEU A 601 -12.62 13.74 -16.28
CA LEU A 601 -12.97 14.39 -17.53
C LEU A 601 -12.79 13.38 -18.66
N PHE A 602 -11.73 12.58 -18.56
CA PHE A 602 -11.46 11.55 -19.56
C PHE A 602 -12.63 10.59 -19.63
N GLU A 603 -13.15 10.22 -18.47
CA GLU A 603 -14.28 9.30 -18.38
C GLU A 603 -15.57 9.93 -18.89
N GLY A 604 -15.79 11.18 -18.51
CA GLY A 604 -16.99 11.89 -18.92
C GLY A 604 -17.07 12.31 -20.39
N LEU A 605 -16.02 12.08 -21.16
CA LEU A 605 -16.05 12.47 -22.56
C LEU A 605 -15.88 11.29 -23.49
N PHE A 606 -15.05 10.32 -23.09
CA PHE A 606 -14.76 9.19 -23.93
C PHE A 606 -15.23 7.83 -23.43
N LYS A 607 -15.98 7.81 -22.34
CA LYS A 607 -16.44 6.54 -21.81
C LYS A 607 -17.91 6.53 -21.38
N GLN A 608 -18.22 7.27 -20.32
CA GLN A 608 -19.59 7.31 -19.83
C GLN A 608 -20.62 7.63 -20.93
N PRO A 609 -20.36 8.69 -21.72
CA PRO A 609 -21.32 9.03 -22.77
C PRO A 609 -21.48 7.89 -23.77
N ILE A 610 -20.37 7.25 -24.11
CA ILE A 610 -20.39 6.16 -25.07
C ILE A 610 -21.24 4.98 -24.59
N ASP A 611 -20.99 4.52 -23.36
CA ASP A 611 -21.77 3.41 -22.82
C ASP A 611 -23.26 3.72 -22.87
N ASN A 612 -23.61 4.99 -22.71
CA ASN A 612 -25.01 5.39 -22.76
C ASN A 612 -25.58 5.22 -24.17
N VAL A 613 -24.76 5.54 -25.16
CA VAL A 613 -25.17 5.42 -26.55
C VAL A 613 -25.32 3.96 -26.96
N ASN A 614 -24.44 3.12 -26.44
CA ASN A 614 -24.48 1.70 -26.76
C ASN A 614 -25.53 0.97 -25.94
N MET A 615 -25.99 1.59 -24.86
CA MET A 615 -27.02 0.98 -24.03
C MET A 615 -28.38 1.33 -24.63
N TYR A 616 -28.45 2.48 -25.28
CA TYR A 616 -29.67 2.95 -25.92
C TYR A 616 -29.92 2.10 -27.16
N LEU A 617 -28.85 1.54 -27.71
CA LEU A 617 -28.94 0.70 -28.90
C LEU A 617 -28.85 -0.77 -28.51
N SER A 618 -28.77 -1.04 -27.21
CA SER A 618 -28.67 -2.40 -26.72
C SER A 618 -29.97 -2.88 -26.09
N SER A 619 -30.29 -2.33 -24.91
CA SER A 619 -31.50 -2.71 -24.20
C SER A 619 -32.74 -2.19 -24.92
N PRO A 620 -33.89 -2.86 -24.72
CA PRO A 620 -35.16 -2.49 -25.35
C PRO A 620 -35.77 -1.22 -24.78
N ASN A 621 -35.62 -1.04 -23.47
CA ASN A 621 -36.18 0.13 -22.81
C ASN A 621 -35.14 0.85 -21.96
N PHE A 622 -34.08 1.33 -22.61
CA PHE A 622 -33.03 2.04 -21.89
C PHE A 622 -33.53 3.41 -21.47
N LEU A 623 -34.32 4.05 -22.33
CA LEU A 623 -34.86 5.37 -22.02
C LEU A 623 -35.86 5.24 -20.89
N GLU A 624 -36.71 4.22 -20.96
CA GLU A 624 -37.71 3.96 -19.94
C GLU A 624 -37.07 3.76 -18.58
N THR A 625 -36.08 2.87 -18.53
CA THR A 625 -35.37 2.58 -17.30
C THR A 625 -34.57 3.78 -16.81
N SER A 626 -33.68 4.29 -17.67
CA SER A 626 -32.84 5.43 -17.31
C SER A 626 -33.68 6.63 -16.85
N LEU A 627 -34.94 6.66 -17.27
CA LEU A 627 -35.83 7.75 -16.90
C LEU A 627 -36.04 7.72 -15.38
N LYS A 628 -35.83 6.55 -14.79
CA LYS A 628 -36.01 6.38 -13.36
C LYS A 628 -34.95 5.45 -12.75
N THR A 629 -33.76 5.41 -13.38
CA THR A 629 -32.67 4.58 -12.90
C THR A 629 -31.38 5.41 -12.78
N SER A 630 -31.35 6.54 -13.49
CA SER A 630 -30.19 7.41 -13.47
C SER A 630 -30.49 8.60 -12.56
N SER A 631 -29.43 9.21 -12.03
CA SER A 631 -29.58 10.35 -11.14
C SER A 631 -29.66 11.66 -11.92
N ASN A 632 -29.60 11.55 -13.24
CA ASN A 632 -29.66 12.73 -14.10
C ASN A 632 -30.03 12.32 -15.53
N PRO A 633 -31.32 12.10 -15.78
CA PRO A 633 -31.85 11.69 -17.09
C PRO A 633 -31.40 12.58 -18.26
N ARG A 634 -31.37 13.89 -18.04
CA ARG A 634 -30.95 14.82 -19.08
C ARG A 634 -29.57 14.51 -19.64
N GLU A 635 -28.62 14.28 -18.74
CA GLU A 635 -27.25 13.98 -19.15
C GLU A 635 -27.21 12.76 -20.05
N VAL A 636 -27.94 11.71 -19.67
CA VAL A 636 -27.98 10.49 -20.47
C VAL A 636 -28.61 10.77 -21.83
N LEU A 637 -29.64 11.60 -21.84
CA LEU A 637 -30.33 11.97 -23.06
C LEU A 637 -29.40 12.75 -23.98
N GLU A 638 -28.92 13.88 -23.49
CA GLU A 638 -28.02 14.73 -24.26
C GLU A 638 -26.80 13.95 -24.76
N ASN A 639 -26.38 12.94 -24.00
CA ASN A 639 -25.22 12.13 -24.43
C ASN A 639 -25.56 11.38 -25.70
N ILE A 640 -26.76 10.79 -25.74
CA ILE A 640 -27.22 10.04 -26.91
C ILE A 640 -27.33 10.99 -28.11
N ARG A 641 -28.03 12.10 -27.90
CA ARG A 641 -28.22 13.11 -28.93
C ARG A 641 -26.90 13.62 -29.46
N ASP A 642 -26.13 14.27 -28.59
CA ASP A 642 -24.83 14.83 -28.92
C ASP A 642 -23.90 13.82 -29.59
N TYR A 643 -23.85 12.60 -29.08
CA TYR A 643 -22.96 11.60 -29.66
C TYR A 643 -23.50 10.87 -30.88
N LEU A 644 -24.79 10.98 -31.13
CA LEU A 644 -25.39 10.33 -32.29
C LEU A 644 -25.66 11.30 -33.44
N VAL A 645 -25.94 12.55 -33.10
CA VAL A 645 -26.21 13.56 -34.13
C VAL A 645 -25.57 14.92 -33.90
N THR A 646 -26.02 15.63 -32.87
CA THR A 646 -25.51 16.95 -32.54
C THR A 646 -23.99 17.16 -32.70
N GLU A 647 -23.20 16.20 -32.23
CA GLU A 647 -21.75 16.31 -32.30
C GLU A 647 -21.04 15.13 -32.98
N LYS A 648 -21.78 14.28 -33.67
CA LYS A 648 -21.15 13.14 -34.33
C LYS A 648 -20.23 13.58 -35.46
N PRO A 649 -18.94 13.20 -35.38
CA PRO A 649 -17.94 13.57 -36.40
C PRO A 649 -18.04 12.67 -37.63
N LEU A 650 -17.63 13.22 -38.77
CA LEU A 650 -17.67 12.49 -40.03
C LEU A 650 -16.23 12.30 -40.51
N SER A 651 -15.37 13.24 -40.11
CA SER A 651 -13.97 13.21 -40.49
C SER A 651 -13.14 13.59 -39.26
N PHE A 652 -11.84 13.36 -39.33
CA PHE A 652 -10.98 13.66 -38.21
C PHE A 652 -10.93 15.17 -37.93
N GLU A 653 -11.10 15.97 -38.98
CA GLU A 653 -11.07 17.42 -38.84
C GLU A 653 -12.20 17.88 -37.94
N GLU A 654 -13.32 17.17 -38.00
CA GLU A 654 -14.46 17.50 -37.17
C GLU A 654 -14.16 17.11 -35.72
N CYS A 655 -13.23 16.17 -35.56
CA CYS A 655 -12.82 15.75 -34.23
C CYS A 655 -11.98 16.88 -33.64
N ILE A 656 -11.08 17.42 -34.47
CA ILE A 656 -10.22 18.52 -34.07
C ILE A 656 -11.07 19.72 -33.69
N MET A 657 -12.12 19.98 -34.47
CA MET A 657 -13.01 21.10 -34.19
C MET A 657 -13.70 20.86 -32.85
N TRP A 658 -14.13 19.63 -32.64
CA TRP A 658 -14.80 19.27 -31.39
C TRP A 658 -13.83 19.48 -30.19
N ALA A 659 -12.60 19.03 -30.38
CA ALA A 659 -11.57 19.14 -29.36
C ALA A 659 -11.33 20.61 -29.00
N ARG A 660 -11.39 21.48 -30.01
CA ARG A 660 -11.18 22.90 -29.82
C ARG A 660 -12.29 23.51 -28.97
N LEU A 661 -13.50 22.98 -29.12
CA LEU A 661 -14.64 23.46 -28.36
C LEU A 661 -14.50 23.05 -26.89
N GLN A 662 -14.03 21.83 -26.66
CA GLN A 662 -13.85 21.34 -25.30
C GLN A 662 -12.87 22.22 -24.56
N PHE A 663 -11.81 22.65 -25.24
CA PHE A 663 -10.82 23.50 -24.60
C PHE A 663 -11.46 24.70 -23.91
N ASP A 664 -12.35 25.40 -24.62
CA ASP A 664 -13.01 26.56 -24.04
C ASP A 664 -13.99 26.21 -22.94
N LYS A 665 -14.62 25.04 -23.08
CA LYS A 665 -15.59 24.57 -22.12
C LYS A 665 -14.98 24.28 -20.74
N PHE A 666 -13.82 23.64 -20.73
CA PHE A 666 -13.19 23.26 -19.47
C PHE A 666 -11.99 24.06 -18.98
N PHE A 667 -11.47 24.99 -19.79
CA PHE A 667 -10.31 25.77 -19.38
C PHE A 667 -10.47 27.28 -19.58
N ASN A 668 -11.65 27.69 -20.00
CA ASN A 668 -11.93 29.10 -20.22
C ASN A 668 -13.32 29.55 -19.69
N ASN A 669 -14.38 29.13 -20.36
CA ASN A 669 -15.74 29.52 -19.95
C ASN A 669 -16.09 29.18 -18.51
N ASN A 670 -15.84 27.93 -18.11
CA ASN A 670 -16.14 27.51 -16.74
C ASN A 670 -15.38 28.37 -15.73
N ILE A 671 -14.15 28.75 -16.08
CA ILE A 671 -13.34 29.59 -15.20
C ILE A 671 -13.94 31.00 -15.11
N GLN A 672 -14.40 31.54 -16.24
CA GLN A 672 -15.02 32.86 -16.24
C GLN A 672 -16.29 32.86 -15.39
N GLN A 673 -17.09 31.82 -15.55
CA GLN A 673 -18.34 31.66 -14.80
C GLN A 673 -18.02 31.61 -13.31
N LEU A 674 -16.96 30.87 -12.97
CA LEU A 674 -16.56 30.76 -11.57
C LEU A 674 -16.14 32.11 -11.01
N LEU A 675 -15.35 32.87 -11.78
CA LEU A 675 -14.90 34.20 -11.36
C LEU A 675 -16.09 35.16 -11.30
N PHE A 676 -17.10 34.90 -12.13
CA PHE A 676 -18.30 35.73 -12.13
C PHE A 676 -19.06 35.46 -10.83
N ASN A 677 -19.25 34.18 -10.53
CA ASN A 677 -19.95 33.78 -9.31
C ASN A 677 -19.17 34.22 -8.07
N PHE A 678 -17.84 34.15 -8.14
CA PHE A 678 -17.00 34.57 -7.02
C PHE A 678 -15.86 35.48 -7.45
N PRO A 679 -16.15 36.76 -7.70
CA PRO A 679 -15.13 37.73 -8.12
C PRO A 679 -13.86 37.64 -7.25
N LYS A 680 -12.72 38.01 -7.83
CA LYS A 680 -11.45 37.93 -7.12
C LYS A 680 -11.48 38.72 -5.82
N ASP A 681 -12.38 39.69 -5.74
CA ASP A 681 -12.50 40.52 -4.55
C ASP A 681 -13.51 39.95 -3.57
N SER A 682 -14.07 38.78 -3.90
CA SER A 682 -15.04 38.14 -3.02
C SER A 682 -14.55 38.05 -1.59
N VAL A 683 -15.49 38.02 -0.66
CA VAL A 683 -15.18 37.93 0.76
C VAL A 683 -16.10 36.87 1.39
N THR A 684 -15.66 36.27 2.49
CA THR A 684 -16.48 35.27 3.16
C THR A 684 -17.52 35.93 4.06
N SER A 685 -18.41 35.13 4.63
CA SER A 685 -19.43 35.65 5.52
C SER A 685 -18.78 36.17 6.79
N THR A 686 -17.51 35.82 6.98
CA THR A 686 -16.74 36.25 8.14
C THR A 686 -16.04 37.57 7.87
N GLY A 687 -15.88 37.91 6.60
CA GLY A 687 -15.23 39.16 6.25
C GLY A 687 -13.86 38.97 5.63
N GLN A 688 -13.29 37.78 5.80
CA GLN A 688 -11.97 37.47 5.24
C GLN A 688 -12.06 37.28 3.73
N PRO A 689 -10.95 37.49 3.01
CA PRO A 689 -10.97 37.31 1.56
C PRO A 689 -11.28 35.86 1.19
N PHE A 690 -12.22 35.68 0.27
CA PHE A 690 -12.64 34.36 -0.18
C PHE A 690 -11.49 33.56 -0.82
N TRP A 691 -10.82 34.18 -1.79
CA TRP A 691 -9.72 33.52 -2.48
C TRP A 691 -8.39 33.60 -1.74
N SER A 692 -8.27 32.83 -0.67
CA SER A 692 -7.04 32.81 0.11
C SER A 692 -6.78 31.36 0.53
N GLY A 693 -5.55 31.10 0.95
CA GLY A 693 -5.20 29.75 1.37
C GLY A 693 -5.39 28.74 0.25
N PRO A 694 -6.20 27.69 0.47
CA PRO A 694 -6.48 26.63 -0.51
C PRO A 694 -7.23 27.06 -1.76
N LYS A 695 -7.95 28.18 -1.69
CA LYS A 695 -8.69 28.65 -2.85
C LYS A 695 -7.81 29.64 -3.60
N ARG A 696 -7.38 29.24 -4.80
CA ARG A 696 -6.52 30.08 -5.62
C ARG A 696 -7.32 30.72 -6.75
N ALA A 697 -7.41 32.05 -6.75
CA ALA A 697 -8.15 32.76 -7.79
C ALA A 697 -7.62 32.34 -9.16
N PRO A 698 -8.46 31.66 -9.96
CA PRO A 698 -8.06 31.18 -11.28
C PRO A 698 -8.04 32.24 -12.38
N THR A 699 -7.50 31.85 -13.54
CA THR A 699 -7.42 32.73 -14.70
C THR A 699 -7.84 31.93 -15.93
N PRO A 700 -8.77 32.48 -16.72
CA PRO A 700 -9.19 31.75 -17.91
C PRO A 700 -8.03 31.62 -18.89
N LEU A 701 -8.06 30.60 -19.73
CA LEU A 701 -7.01 30.38 -20.71
C LEU A 701 -7.51 30.72 -22.10
N SER A 702 -6.70 31.45 -22.87
CA SER A 702 -7.05 31.79 -24.24
C SER A 702 -6.33 30.78 -25.12
N PHE A 703 -7.09 29.96 -25.84
CA PHE A 703 -6.49 28.94 -26.68
C PHE A 703 -5.42 29.49 -27.62
N ASP A 704 -4.33 28.75 -27.75
CA ASP A 704 -3.26 29.13 -28.64
C ASP A 704 -2.49 27.89 -29.05
N ILE A 705 -2.56 27.54 -30.33
CA ILE A 705 -1.90 26.35 -30.83
C ILE A 705 -0.39 26.36 -30.60
N HIS A 706 0.18 27.52 -30.33
CA HIS A 706 1.62 27.62 -30.11
C HIS A 706 2.02 27.24 -28.67
N ASN A 707 1.03 27.11 -27.79
CA ASN A 707 1.33 26.69 -26.42
C ASN A 707 1.30 25.16 -26.49
N ARG A 708 2.40 24.52 -26.11
CA ARG A 708 2.48 23.05 -26.17
C ARG A 708 1.40 22.28 -25.44
N GLU A 709 0.98 22.74 -24.25
CA GLU A 709 -0.05 22.02 -23.52
C GLU A 709 -1.38 22.14 -24.24
N HIS A 710 -1.67 23.33 -24.78
CA HIS A 710 -2.91 23.54 -25.53
C HIS A 710 -2.93 22.57 -26.70
N PHE A 711 -1.80 22.48 -27.38
CA PHE A 711 -1.67 21.61 -28.54
C PHE A 711 -1.79 20.13 -28.18
N ASP A 712 -1.14 19.71 -27.10
CA ASP A 712 -1.20 18.31 -26.68
C ASP A 712 -2.64 17.92 -26.37
N PHE A 713 -3.38 18.82 -25.76
CA PHE A 713 -4.77 18.57 -25.43
C PHE A 713 -5.61 18.34 -26.68
N ILE A 714 -5.42 19.19 -27.68
CA ILE A 714 -6.18 19.07 -28.93
C ILE A 714 -5.84 17.74 -29.60
N VAL A 715 -4.55 17.42 -29.67
CA VAL A 715 -4.12 16.17 -30.30
C VAL A 715 -4.67 14.95 -29.56
N ALA A 716 -4.57 14.95 -28.23
CA ALA A 716 -5.05 13.83 -27.43
C ALA A 716 -6.57 13.70 -27.49
N ALA A 717 -7.27 14.79 -27.19
CA ALA A 717 -8.74 14.82 -27.21
C ALA A 717 -9.31 14.49 -28.59
N ALA A 718 -8.72 15.06 -29.63
CA ALA A 718 -9.20 14.79 -30.98
C ALA A 718 -8.98 13.32 -31.33
N SER A 719 -7.82 12.78 -30.97
CA SER A 719 -7.52 11.38 -31.26
C SER A 719 -8.39 10.40 -30.47
N LEU A 720 -8.80 10.79 -29.27
CA LEU A 720 -9.65 9.95 -28.43
C LEU A 720 -11.07 9.96 -28.94
N TYR A 721 -11.53 11.14 -29.37
CA TYR A 721 -12.88 11.31 -29.91
C TYR A 721 -12.98 10.44 -31.16
N ALA A 722 -11.93 10.47 -31.97
CA ALA A 722 -11.89 9.69 -33.19
C ALA A 722 -11.97 8.21 -32.86
N PHE A 723 -11.33 7.82 -31.77
CA PHE A 723 -11.33 6.43 -31.32
C PHE A 723 -12.75 6.00 -31.00
N ASN A 724 -13.54 6.93 -30.48
CA ASN A 724 -14.92 6.66 -30.13
C ASN A 724 -15.76 6.33 -31.36
N TYR A 725 -15.41 6.93 -32.50
CA TYR A 725 -16.16 6.71 -33.74
C TYR A 725 -15.44 5.90 -34.80
N GLY A 726 -14.34 5.26 -34.41
CA GLY A 726 -13.60 4.45 -35.36
C GLY A 726 -12.91 5.21 -36.48
N LEU A 727 -12.92 6.54 -36.39
CA LEU A 727 -12.29 7.38 -37.41
C LEU A 727 -10.77 7.34 -37.27
N LYS A 728 -10.06 7.36 -38.38
CA LYS A 728 -8.61 7.34 -38.32
C LYS A 728 -8.11 8.72 -37.93
N SER A 729 -7.17 8.75 -36.98
CA SER A 729 -6.62 10.01 -36.54
C SER A 729 -5.27 10.24 -37.18
N GLU A 730 -4.75 11.45 -37.03
CA GLU A 730 -3.45 11.80 -37.59
C GLU A 730 -2.66 12.63 -36.59
N THR A 731 -1.35 12.72 -36.80
CA THR A 731 -0.51 13.47 -35.88
C THR A 731 0.21 14.64 -36.55
N ASP A 732 0.10 14.72 -37.88
CA ASP A 732 0.74 15.80 -38.63
C ASP A 732 0.24 17.17 -38.19
N PRO A 733 1.07 17.92 -37.45
CA PRO A 733 0.74 19.25 -36.93
C PRO A 733 0.07 20.18 -37.95
N ALA A 734 0.41 20.02 -39.22
CA ALA A 734 -0.14 20.84 -40.29
C ALA A 734 -1.67 20.78 -40.36
N ILE A 735 -2.21 19.57 -40.23
CA ILE A 735 -3.64 19.38 -40.29
C ILE A 735 -4.37 20.14 -39.18
N TYR A 736 -3.81 20.12 -37.98
CA TYR A 736 -4.44 20.82 -36.87
C TYR A 736 -4.41 22.32 -37.14
N GLU A 737 -3.24 22.84 -37.49
CA GLU A 737 -3.13 24.26 -37.78
C GLU A 737 -4.18 24.67 -38.78
N ARG A 738 -4.25 23.95 -39.90
CA ARG A 738 -5.22 24.27 -40.94
C ARG A 738 -6.65 24.27 -40.42
N VAL A 739 -6.99 23.32 -39.56
CA VAL A 739 -8.34 23.26 -39.02
C VAL A 739 -8.58 24.30 -37.94
N LEU A 740 -7.66 24.41 -36.97
CA LEU A 740 -7.80 25.38 -35.90
C LEU A 740 -7.84 26.81 -36.42
N ALA A 741 -7.06 27.08 -37.46
CA ALA A 741 -7.00 28.41 -38.06
C ALA A 741 -8.39 28.89 -38.46
N GLY A 742 -9.20 27.96 -38.99
CA GLY A 742 -10.54 28.32 -39.41
C GLY A 742 -11.62 28.18 -38.36
N TYR A 743 -11.24 28.16 -37.09
CA TYR A 743 -12.21 28.04 -36.00
C TYR A 743 -12.79 29.39 -35.61
N ASN A 744 -14.11 29.41 -35.46
CA ASN A 744 -14.81 30.64 -35.08
C ASN A 744 -15.38 30.50 -33.67
N PRO A 745 -14.60 30.93 -32.66
CA PRO A 745 -14.98 30.88 -31.24
C PRO A 745 -16.39 31.38 -30.95
N PRO A 746 -17.33 30.46 -30.69
CA PRO A 746 -18.72 30.83 -30.39
C PRO A 746 -18.77 31.82 -29.23
N PRO A 747 -19.65 32.83 -29.33
CA PRO A 747 -19.79 33.84 -28.28
C PRO A 747 -20.18 33.28 -26.92
N PHE A 748 -19.47 33.71 -25.88
CA PHE A 748 -19.75 33.25 -24.52
C PHE A 748 -19.76 34.40 -23.52
N ALA A 749 -20.67 34.32 -22.55
CA ALA A 749 -20.77 35.33 -21.52
C ALA A 749 -21.30 34.69 -20.23
N PRO A 750 -20.64 34.97 -19.11
CA PRO A 750 -21.05 34.43 -17.81
C PRO A 750 -22.53 34.68 -17.51
N LYS A 751 -23.34 33.63 -17.66
CA LYS A 751 -24.77 33.73 -17.41
C LYS A 751 -25.09 34.13 -15.97
N SER A 752 -26.10 34.98 -15.81
CA SER A 752 -26.50 35.45 -14.48
C SER A 752 -27.93 35.04 -14.16
N LEU A 776 -37.07 18.36 -22.65
CA LEU A 776 -36.47 17.08 -22.28
C LEU A 776 -37.17 15.95 -23.02
N LYS A 777 -38.49 16.06 -23.14
CA LYS A 777 -39.29 15.04 -23.83
C LYS A 777 -38.97 15.11 -25.31
N SER A 778 -38.78 16.33 -25.81
CA SER A 778 -38.47 16.57 -27.21
C SER A 778 -37.08 16.04 -27.55
N ILE A 779 -36.16 16.18 -26.60
CA ILE A 779 -34.79 15.72 -26.79
C ILE A 779 -34.74 14.20 -26.93
N ALA A 780 -35.76 13.53 -26.42
CA ALA A 780 -35.83 12.08 -26.49
C ALA A 780 -36.42 11.59 -27.81
N ASP A 781 -37.62 12.04 -28.11
CA ASP A 781 -38.31 11.65 -29.34
C ASP A 781 -37.56 12.03 -30.62
N SER A 782 -36.65 12.98 -30.51
CA SER A 782 -35.89 13.42 -31.68
C SER A 782 -34.68 12.51 -31.92
N LEU A 783 -34.63 11.39 -31.20
CA LEU A 783 -33.54 10.44 -31.34
C LEU A 783 -33.91 9.35 -32.34
N PRO A 784 -32.96 8.95 -33.20
CA PRO A 784 -33.25 7.90 -34.18
C PRO A 784 -33.55 6.58 -33.47
N PRO A 785 -34.64 5.90 -33.89
CA PRO A 785 -35.01 4.63 -33.27
C PRO A 785 -33.87 3.61 -33.28
N PRO A 786 -33.68 2.90 -32.15
CA PRO A 786 -32.62 1.89 -32.02
C PRO A 786 -32.59 0.92 -33.20
N SER A 787 -33.77 0.54 -33.68
CA SER A 787 -33.87 -0.40 -34.80
C SER A 787 -33.41 0.22 -36.12
N SER A 788 -33.13 1.52 -36.11
CA SER A 788 -32.68 2.20 -37.32
C SER A 788 -31.17 2.36 -37.31
N LEU A 789 -30.52 1.66 -36.37
CA LEU A 789 -29.07 1.73 -36.24
C LEU A 789 -28.47 0.42 -35.74
N VAL A 790 -29.24 -0.66 -35.81
CA VAL A 790 -28.75 -1.96 -35.35
C VAL A 790 -27.48 -2.33 -36.12
N GLY A 791 -26.43 -2.69 -35.39
CA GLY A 791 -25.18 -3.06 -36.03
C GLY A 791 -24.14 -1.96 -35.88
N PHE A 792 -24.59 -0.77 -35.48
CA PHE A 792 -23.72 0.38 -35.29
C PHE A 792 -23.49 0.64 -33.79
N ARG A 793 -22.23 0.59 -33.39
CA ARG A 793 -21.85 0.80 -32.00
C ARG A 793 -20.59 1.66 -31.88
N LEU A 794 -20.49 2.42 -30.80
CA LEU A 794 -19.34 3.27 -30.54
C LEU A 794 -18.37 2.55 -29.63
N THR A 795 -17.08 2.80 -29.81
CA THR A 795 -16.06 2.15 -28.99
C THR A 795 -15.62 3.04 -27.84
N PRO A 796 -16.07 2.71 -26.62
CA PRO A 796 -15.72 3.48 -25.41
C PRO A 796 -14.25 3.31 -25.05
N ALA A 797 -13.62 4.39 -24.57
CA ALA A 797 -12.21 4.32 -24.19
C ALA A 797 -12.06 3.71 -22.81
N GLU A 798 -11.28 2.63 -22.72
CA GLU A 798 -11.06 1.96 -21.45
C GLU A 798 -9.68 2.33 -20.93
N PHE A 799 -9.64 3.13 -19.86
CA PHE A 799 -8.38 3.61 -19.29
C PHE A 799 -7.26 2.58 -19.16
N GLU A 800 -6.19 2.78 -19.89
CA GLU A 800 -5.05 1.87 -19.84
C GLU A 800 -3.75 2.67 -19.69
N LYS A 801 -3.27 2.77 -18.45
CA LYS A 801 -2.06 3.49 -18.10
C LYS A 801 -0.74 3.03 -18.74
N ASP A 802 -0.65 1.75 -19.10
CA ASP A 802 0.60 1.22 -19.64
C ASP A 802 0.80 1.19 -21.15
N ASP A 803 -0.16 1.73 -21.90
CA ASP A 803 -0.01 1.77 -23.36
C ASP A 803 0.22 3.23 -23.73
N ASP A 804 1.49 3.62 -23.85
CA ASP A 804 1.85 5.00 -24.16
C ASP A 804 1.38 5.55 -25.50
N SER A 805 0.77 4.71 -26.33
CA SER A 805 0.30 5.18 -27.64
C SER A 805 -1.20 5.34 -27.77
N ASN A 806 -1.96 5.14 -26.69
CA ASN A 806 -3.42 5.27 -26.76
C ASN A 806 -3.96 6.65 -26.45
N HIS A 807 -3.08 7.61 -26.18
CA HIS A 807 -3.46 8.99 -25.87
C HIS A 807 -4.08 9.20 -24.50
N HIS A 808 -4.19 8.14 -23.70
CA HIS A 808 -4.81 8.27 -22.37
C HIS A 808 -4.06 9.18 -21.42
N ILE A 809 -2.81 8.81 -21.12
CA ILE A 809 -1.99 9.61 -20.22
C ILE A 809 -1.70 10.98 -20.86
N ASP A 810 -1.54 11.01 -22.20
CA ASP A 810 -1.30 12.27 -22.89
C ASP A 810 -2.47 13.21 -22.62
N PHE A 811 -3.68 12.66 -22.71
CA PHE A 811 -4.87 13.47 -22.48
C PHE A 811 -4.95 13.97 -21.03
N ILE A 812 -4.74 13.09 -20.07
CA ILE A 812 -4.83 13.46 -18.67
C ILE A 812 -3.72 14.45 -18.26
N THR A 813 -2.52 14.26 -18.80
CA THR A 813 -1.42 15.16 -18.51
C THR A 813 -1.76 16.58 -19.01
N ALA A 814 -2.15 16.68 -20.29
CA ALA A 814 -2.50 17.97 -20.88
C ALA A 814 -3.67 18.62 -20.16
N ALA A 815 -4.78 17.89 -20.04
CA ALA A 815 -5.95 18.40 -19.34
C ALA A 815 -5.60 18.89 -17.93
N SER A 816 -4.83 18.09 -17.20
CA SER A 816 -4.40 18.42 -15.85
C SER A 816 -3.50 19.65 -15.81
N ASN A 817 -2.53 19.74 -16.72
CA ASN A 817 -1.64 20.90 -16.72
C ASN A 817 -2.33 22.20 -17.11
N LEU A 818 -3.33 22.12 -17.97
CA LEU A 818 -4.08 23.31 -18.36
C LEU A 818 -4.87 23.82 -17.15
N ARG A 819 -5.47 22.90 -16.40
CA ARG A 819 -6.23 23.30 -15.23
C ARG A 819 -5.22 23.83 -14.22
N ALA A 820 -4.01 23.25 -14.24
CA ALA A 820 -2.94 23.69 -13.34
C ALA A 820 -2.61 25.14 -13.69
N MET A 821 -2.55 25.44 -14.97
CA MET A 821 -2.29 26.83 -15.41
C MET A 821 -3.44 27.73 -14.91
N ASN A 822 -4.68 27.25 -15.04
CA ASN A 822 -5.84 28.02 -14.59
C ASN A 822 -5.69 28.45 -13.13
N TYR A 823 -5.24 27.52 -12.29
CA TYR A 823 -5.10 27.83 -10.87
C TYR A 823 -3.68 28.13 -10.42
N ASP A 824 -2.79 28.30 -11.38
CA ASP A 824 -1.41 28.65 -11.07
C ASP A 824 -0.74 27.60 -10.17
N ILE A 825 -0.83 26.35 -10.60
CA ILE A 825 -0.25 25.20 -9.90
C ILE A 825 0.86 24.69 -10.81
N THR A 826 1.97 24.24 -10.23
CA THR A 826 3.09 23.71 -11.01
C THR A 826 2.69 22.42 -11.71
N PRO A 827 2.80 22.38 -13.05
CA PRO A 827 2.44 21.20 -13.85
C PRO A 827 3.34 19.99 -13.64
N ALA A 828 2.83 18.81 -13.97
CA ALA A 828 3.59 17.58 -13.86
C ALA A 828 3.73 17.00 -15.27
N ASP A 829 4.83 16.30 -15.53
CA ASP A 829 5.02 15.71 -16.86
C ASP A 829 4.27 14.39 -16.98
N ARG A 830 4.31 13.81 -18.18
CA ARG A 830 3.62 12.55 -18.45
C ARG A 830 4.09 11.42 -17.54
N PHE A 831 5.39 11.34 -17.30
CA PHE A 831 5.92 10.29 -16.45
C PHE A 831 5.23 10.32 -15.06
N LYS A 832 5.15 11.50 -14.46
CA LYS A 832 4.52 11.63 -13.15
C LYS A 832 3.00 11.47 -13.20
N THR A 833 2.36 12.01 -14.23
CA THR A 833 0.92 11.90 -14.36
C THR A 833 0.51 10.42 -14.51
N LYS A 834 1.32 9.68 -15.26
CA LYS A 834 1.07 8.25 -15.48
C LYS A 834 1.05 7.51 -14.14
N PHE A 835 1.93 7.93 -13.24
CA PHE A 835 2.05 7.34 -11.92
C PHE A 835 0.86 7.67 -11.04
N VAL A 836 0.43 8.93 -11.07
CA VAL A 836 -0.69 9.38 -10.25
C VAL A 836 -2.02 8.86 -10.81
N ALA A 837 -2.31 9.16 -12.08
CA ALA A 837 -3.55 8.72 -12.72
C ALA A 837 -3.65 7.20 -12.79
N GLY A 838 -2.54 6.54 -13.07
CA GLY A 838 -2.53 5.09 -13.19
C GLY A 838 -2.43 4.34 -11.88
N LYS A 839 -2.35 5.07 -10.78
CA LYS A 839 -2.25 4.46 -9.45
C LYS A 839 -1.17 3.38 -9.42
N ILE A 840 -0.07 3.61 -10.13
CA ILE A 840 1.03 2.66 -10.18
C ILE A 840 1.71 2.57 -8.81
N VAL A 841 2.00 1.35 -8.39
CA VAL A 841 2.65 1.11 -7.11
C VAL A 841 4.15 0.93 -7.31
N PRO A 842 4.96 1.80 -6.67
CA PRO A 842 6.42 1.74 -6.78
C PRO A 842 6.90 0.37 -6.33
N ALA A 843 7.80 -0.26 -7.09
CA ALA A 843 8.28 -1.58 -6.72
C ALA A 843 9.59 -1.98 -7.35
N MET A 844 10.33 -2.81 -6.63
CA MET A 844 11.57 -3.33 -7.15
C MET A 844 11.94 -4.63 -6.47
N CYS A 845 12.84 -5.36 -7.13
CA CYS A 845 13.29 -6.66 -6.70
C CYS A 845 13.87 -6.76 -5.29
N THR A 846 14.54 -5.70 -4.84
CA THR A 846 15.18 -5.68 -3.53
C THR A 846 14.25 -5.93 -2.34
N SER A 847 13.23 -5.10 -2.19
CA SER A 847 12.30 -5.26 -1.09
C SER A 847 11.47 -6.53 -1.24
N THR A 848 11.23 -6.95 -2.48
CA THR A 848 10.47 -8.16 -2.78
C THR A 848 11.21 -9.37 -2.24
N ALA A 849 12.52 -9.39 -2.47
CA ALA A 849 13.38 -10.47 -2.02
C ALA A 849 13.42 -10.49 -0.49
N VAL A 850 13.56 -9.31 0.11
CA VAL A 850 13.62 -9.21 1.56
C VAL A 850 12.36 -9.74 2.26
N VAL A 851 11.16 -9.38 1.80
CA VAL A 851 9.97 -9.89 2.46
C VAL A 851 9.83 -11.39 2.31
N SER A 852 10.25 -11.93 1.17
CA SER A 852 10.13 -13.37 0.94
C SER A 852 10.98 -14.12 1.94
N GLY A 853 12.19 -13.61 2.21
CA GLY A 853 13.08 -14.23 3.16
C GLY A 853 12.47 -14.18 4.56
N LEU A 854 11.93 -13.03 4.95
CA LEU A 854 11.33 -12.90 6.27
C LEU A 854 10.12 -13.81 6.42
N VAL A 855 9.34 -13.94 5.35
CA VAL A 855 8.17 -14.80 5.37
C VAL A 855 8.58 -16.26 5.54
N CYS A 856 9.62 -16.67 4.84
CA CYS A 856 10.05 -18.05 4.96
C CYS A 856 10.74 -18.34 6.30
N LEU A 857 11.22 -17.30 6.96
CA LEU A 857 11.84 -17.49 8.26
C LEU A 857 10.69 -17.73 9.27
N GLU A 858 9.49 -17.25 8.95
CA GLU A 858 8.31 -17.46 9.80
C GLU A 858 7.64 -18.79 9.47
N LEU A 859 7.66 -19.14 8.19
CA LEU A 859 7.07 -20.41 7.75
C LEU A 859 7.65 -21.60 8.53
N VAL A 860 8.96 -21.62 8.74
CA VAL A 860 9.54 -22.73 9.47
C VAL A 860 9.08 -22.78 10.93
N LYS A 861 8.58 -21.66 11.46
CA LYS A 861 8.10 -21.65 12.85
C LYS A 861 6.75 -22.36 12.89
N LEU A 862 5.94 -22.13 11.86
CA LEU A 862 4.64 -22.77 11.77
C LEU A 862 4.82 -24.28 11.63
N VAL A 863 5.72 -24.70 10.74
CA VAL A 863 5.93 -26.13 10.55
C VAL A 863 6.46 -26.79 11.83
N ASP A 864 7.14 -26.03 12.66
CA ASP A 864 7.66 -26.56 13.92
C ASP A 864 6.53 -26.53 14.96
N GLY A 865 5.37 -26.03 14.53
CA GLY A 865 4.22 -25.93 15.42
C GLY A 865 4.44 -25.14 16.70
N LYS A 866 5.13 -24.00 16.64
CA LYS A 866 5.38 -23.21 17.84
C LYS A 866 4.08 -22.70 18.46
N LYS A 867 3.99 -22.81 19.77
CA LYS A 867 2.81 -22.41 20.53
C LYS A 867 2.96 -21.05 21.21
N LYS A 868 4.21 -20.66 21.47
CA LYS A 868 4.47 -19.38 22.13
C LYS A 868 4.42 -18.24 21.12
N ILE A 869 3.53 -17.30 21.36
CA ILE A 869 3.33 -16.17 20.49
C ILE A 869 4.58 -15.28 20.36
N GLU A 870 5.41 -15.24 21.39
CA GLU A 870 6.60 -14.40 21.31
C GLU A 870 7.69 -15.00 20.43
N GLU A 871 7.49 -16.24 19.97
CA GLU A 871 8.47 -16.86 19.10
C GLU A 871 8.26 -16.36 17.68
N TYR A 872 7.04 -15.93 17.37
CA TYR A 872 6.71 -15.43 16.06
C TYR A 872 7.10 -13.96 15.88
N LYS A 873 7.21 -13.52 14.64
CA LYS A 873 7.61 -12.14 14.38
C LYS A 873 7.00 -11.48 13.18
N ASN A 874 6.39 -10.31 13.40
CA ASN A 874 5.84 -9.52 12.32
C ASN A 874 7.01 -8.56 12.01
N GLY A 875 7.32 -8.39 10.74
CA GLY A 875 8.43 -7.52 10.37
C GLY A 875 8.02 -6.31 9.55
N PHE A 876 8.84 -5.27 9.63
CA PHE A 876 8.62 -4.03 8.88
C PHE A 876 9.99 -3.49 8.53
N PHE A 877 10.12 -2.92 7.35
CA PHE A 877 11.41 -2.41 6.96
C PHE A 877 11.31 -1.37 5.84
N ASN A 878 12.35 -0.55 5.73
CA ASN A 878 12.47 0.44 4.68
C ASN A 878 13.95 0.38 4.29
N LEU A 879 14.25 -0.30 3.19
CA LEU A 879 15.63 -0.45 2.74
C LEU A 879 16.34 0.86 2.40
N ALA A 880 15.57 1.90 2.06
CA ALA A 880 16.15 3.19 1.70
C ALA A 880 16.86 3.89 2.87
N ILE A 881 16.51 3.52 4.10
CA ILE A 881 17.11 4.15 5.26
C ILE A 881 17.71 3.12 6.22
N GLY A 882 17.87 1.89 5.75
CA GLY A 882 18.42 0.85 6.60
C GLY A 882 17.64 0.59 7.86
N LEU A 883 16.32 0.66 7.78
CA LEU A 883 15.48 0.44 8.94
C LEU A 883 14.75 -0.91 8.89
N PHE A 884 14.93 -1.71 9.95
CA PHE A 884 14.24 -2.99 10.11
C PHE A 884 13.72 -3.02 11.54
N THR A 885 12.52 -3.50 11.75
CA THR A 885 11.98 -3.59 13.09
C THR A 885 11.01 -4.78 13.14
N PHE A 886 10.98 -5.47 14.28
CA PHE A 886 10.14 -6.66 14.46
C PHE A 886 9.36 -6.61 15.78
N SER A 887 8.21 -7.27 15.80
CA SER A 887 7.39 -7.31 17.01
C SER A 887 6.61 -8.61 17.06
N ASP A 888 6.35 -9.10 18.28
CA ASP A 888 5.58 -10.32 18.44
C ASP A 888 4.18 -10.00 17.96
N PRO A 889 3.49 -11.00 17.35
CA PRO A 889 2.12 -10.82 16.87
C PRO A 889 1.22 -10.52 18.07
N ILE A 890 0.02 -9.99 17.80
CA ILE A 890 -0.93 -9.68 18.86
C ILE A 890 -1.80 -10.90 19.14
N ALA A 891 -1.89 -11.27 20.42
CA ALA A 891 -2.69 -12.42 20.83
C ALA A 891 -4.14 -12.19 20.49
N SER A 892 -4.83 -13.23 20.05
CA SER A 892 -6.25 -13.07 19.73
C SER A 892 -6.96 -12.76 21.04
N PRO A 893 -8.00 -11.92 20.97
CA PRO A 893 -8.77 -11.55 22.16
C PRO A 893 -9.61 -12.71 22.70
N LYS A 894 -9.58 -12.87 24.02
CA LYS A 894 -10.36 -13.93 24.67
C LYS A 894 -11.57 -13.31 25.35
N MET A 895 -12.53 -14.14 25.73
CA MET A 895 -13.73 -13.69 26.39
C MET A 895 -14.37 -14.87 27.08
N LYS A 896 -15.35 -14.60 27.94
CA LYS A 896 -16.03 -15.67 28.66
C LYS A 896 -17.52 -15.69 28.36
N VAL A 897 -18.02 -16.88 28.06
CA VAL A 897 -19.42 -17.08 27.79
C VAL A 897 -19.88 -18.15 28.76
N ASN A 898 -20.62 -17.72 29.79
CA ASN A 898 -21.11 -18.63 30.81
C ASN A 898 -19.94 -19.34 31.48
N GLY A 899 -18.94 -18.56 31.87
CA GLY A 899 -17.78 -19.14 32.52
C GLY A 899 -16.69 -19.57 31.56
N LYS A 900 -17.05 -20.34 30.53
CA LYS A 900 -16.08 -20.83 29.55
C LYS A 900 -15.33 -19.69 28.86
N GLU A 901 -14.03 -19.90 28.63
CA GLU A 901 -13.22 -18.90 27.94
C GLU A 901 -13.25 -19.20 26.45
N ILE A 902 -13.68 -18.22 25.67
CA ILE A 902 -13.78 -18.36 24.23
C ILE A 902 -12.82 -17.43 23.48
N ASP A 903 -12.29 -17.92 22.35
CA ASP A 903 -11.41 -17.11 21.51
C ASP A 903 -12.33 -16.33 20.60
N LYS A 904 -12.37 -15.02 20.78
CA LYS A 904 -13.22 -14.14 20.00
C LYS A 904 -13.08 -14.29 18.49
N ILE A 905 -11.91 -14.68 18.03
CA ILE A 905 -11.71 -14.81 16.60
C ILE A 905 -11.88 -16.21 16.03
N TRP A 906 -11.17 -17.18 16.61
CA TRP A 906 -11.19 -18.53 16.08
C TRP A 906 -12.28 -19.50 16.52
N ASP A 907 -12.84 -19.33 17.72
CA ASP A 907 -13.89 -20.23 18.18
C ASP A 907 -15.19 -19.94 17.45
N ARG A 908 -15.98 -20.97 17.23
CA ARG A 908 -17.27 -20.82 16.55
C ARG A 908 -18.25 -21.90 17.00
N TYR A 909 -19.54 -21.61 16.81
CA TYR A 909 -20.59 -22.55 17.14
C TYR A 909 -20.81 -23.43 15.94
N ASN A 910 -20.85 -24.75 16.15
CA ASN A 910 -21.10 -25.67 15.05
C ASN A 910 -22.49 -26.26 15.26
N LEU A 911 -23.48 -25.66 14.61
CA LEU A 911 -24.87 -26.08 14.72
C LEU A 911 -25.39 -26.60 13.39
N PRO A 912 -26.46 -27.42 13.43
CA PRO A 912 -27.03 -27.95 12.19
C PRO A 912 -27.94 -26.92 11.54
N ASP A 913 -28.49 -27.25 10.38
CA ASP A 913 -29.35 -26.34 9.64
C ASP A 913 -30.77 -26.30 10.20
N CYS A 914 -30.88 -25.98 11.48
CA CYS A 914 -32.16 -25.87 12.17
C CYS A 914 -32.86 -24.60 11.71
N THR A 915 -34.10 -24.38 12.16
CA THR A 915 -34.85 -23.19 11.78
C THR A 915 -34.51 -22.03 12.70
N LEU A 916 -34.83 -20.81 12.27
CA LEU A 916 -34.54 -19.63 13.07
C LEU A 916 -35.01 -19.86 14.51
N GLN A 917 -36.30 -20.13 14.67
CA GLN A 917 -36.88 -20.37 15.97
C GLN A 917 -36.01 -21.31 16.79
N GLU A 918 -35.68 -22.46 16.22
CA GLU A 918 -34.85 -23.45 16.90
C GLU A 918 -33.51 -22.87 17.36
N LEU A 919 -32.86 -22.12 16.49
CA LEU A 919 -31.57 -21.52 16.81
C LEU A 919 -31.71 -20.56 17.98
N ILE A 920 -32.79 -19.79 17.98
CA ILE A 920 -33.05 -18.85 19.05
C ILE A 920 -33.24 -19.60 20.37
N ASP A 921 -33.96 -20.72 20.30
CA ASP A 921 -34.21 -21.54 21.47
C ASP A 921 -32.92 -22.15 22.00
N TYR A 922 -32.05 -22.58 21.08
CA TYR A 922 -30.78 -23.16 21.47
C TYR A 922 -29.96 -22.22 22.34
N PHE A 923 -29.89 -20.95 21.94
CA PHE A 923 -29.12 -19.98 22.71
C PHE A 923 -29.76 -19.61 24.04
N GLN A 924 -31.08 -19.52 24.06
CA GLN A 924 -31.79 -19.20 25.30
C GLN A 924 -31.67 -20.37 26.26
N LYS A 925 -31.95 -21.57 25.75
CA LYS A 925 -31.90 -22.79 26.54
C LYS A 925 -30.51 -23.15 27.01
N GLU A 926 -29.58 -23.25 26.06
CA GLU A 926 -28.21 -23.63 26.38
C GLU A 926 -27.35 -22.51 26.95
N GLU A 927 -26.96 -21.56 26.10
CA GLU A 927 -26.11 -20.45 26.55
C GLU A 927 -26.86 -19.49 27.47
N GLY A 928 -28.19 -19.62 27.51
CA GLY A 928 -28.97 -18.75 28.36
C GLY A 928 -28.81 -17.31 27.89
N LEU A 929 -28.97 -17.11 26.59
CA LEU A 929 -28.82 -15.79 25.99
C LEU A 929 -29.97 -15.53 25.04
N GLU A 930 -30.29 -14.25 24.84
CA GLU A 930 -31.37 -13.86 23.93
C GLU A 930 -30.82 -13.38 22.59
N VAL A 931 -31.07 -14.15 21.54
CA VAL A 931 -30.61 -13.77 20.20
C VAL A 931 -31.27 -12.47 19.78
N THR A 932 -30.47 -11.41 19.69
CA THR A 932 -30.97 -10.10 19.31
C THR A 932 -30.69 -9.76 17.85
N MET A 933 -29.67 -10.38 17.27
CA MET A 933 -29.31 -10.13 15.87
C MET A 933 -28.62 -11.33 15.23
N LEU A 934 -29.05 -11.67 14.03
CA LEU A 934 -28.48 -12.78 13.29
C LEU A 934 -28.25 -12.29 11.86
N SER A 935 -27.03 -12.50 11.34
CA SER A 935 -26.72 -12.05 9.98
C SER A 935 -25.87 -13.04 9.19
N SER A 936 -26.05 -13.00 7.88
CA SER A 936 -25.33 -13.84 6.94
C SER A 936 -24.72 -12.88 5.91
N GLY A 937 -23.41 -12.68 5.97
CA GLY A 937 -22.75 -11.77 5.06
C GLY A 937 -23.17 -10.36 5.47
N VAL A 938 -23.68 -9.57 4.54
CA VAL A 938 -24.12 -8.22 4.88
C VAL A 938 -25.62 -8.20 5.18
N SER A 939 -26.28 -9.35 4.98
CA SER A 939 -27.72 -9.47 5.20
C SER A 939 -28.17 -9.78 6.62
N LEU A 940 -29.08 -8.96 7.13
CA LEU A 940 -29.63 -9.16 8.46
C LEU A 940 -30.73 -10.22 8.34
N LEU A 941 -30.56 -11.35 9.02
CA LEU A 941 -31.55 -12.42 8.96
C LEU A 941 -32.65 -12.23 9.99
N TYR A 942 -32.26 -11.89 11.22
CA TYR A 942 -33.21 -11.68 12.30
C TYR A 942 -32.73 -10.62 13.26
N ALA A 943 -33.70 -9.92 13.86
CA ALA A 943 -33.42 -8.87 14.83
C ALA A 943 -34.55 -8.89 15.86
N ASN A 944 -34.19 -8.80 17.14
CA ASN A 944 -35.19 -8.82 18.20
C ASN A 944 -36.01 -7.54 18.24
N PHE A 945 -35.93 -6.74 17.17
CA PHE A 945 -36.69 -5.51 17.10
C PHE A 945 -37.61 -5.48 15.88
N GLN A 946 -37.56 -6.55 15.09
CA GLN A 946 -38.40 -6.64 13.90
C GLN A 946 -39.87 -6.84 14.28
N PRO A 947 -40.80 -6.44 13.38
CA PRO A 947 -42.23 -6.58 13.63
C PRO A 947 -42.72 -8.03 13.66
N PRO A 948 -43.56 -8.39 14.63
CA PRO A 948 -44.12 -9.73 14.80
C PRO A 948 -44.63 -10.36 13.51
N LYS A 949 -45.22 -9.55 12.65
CA LYS A 949 -45.75 -10.05 11.39
C LYS A 949 -44.61 -10.56 10.51
N LYS A 950 -43.53 -9.79 10.46
CA LYS A 950 -42.35 -10.14 9.69
C LYS A 950 -41.75 -11.46 10.18
N LEU A 951 -41.50 -11.54 11.49
CA LEU A 951 -40.92 -12.72 12.11
C LEU A 951 -41.80 -13.95 11.97
N ALA A 952 -43.08 -13.72 11.67
CA ALA A 952 -44.04 -14.81 11.52
C ALA A 952 -43.74 -15.73 10.35
N GLU A 953 -43.32 -15.14 9.24
CA GLU A 953 -43.02 -15.93 8.04
C GLU A 953 -41.58 -16.43 8.01
N ARG A 954 -40.78 -16.02 9.00
CA ARG A 954 -39.37 -16.41 9.04
C ARG A 954 -38.99 -17.48 10.08
N LEU A 955 -39.48 -17.33 11.31
CA LEU A 955 -39.16 -18.27 12.39
C LEU A 955 -39.24 -19.75 12.03
N PRO A 956 -40.30 -20.15 11.29
CA PRO A 956 -40.43 -21.57 10.90
C PRO A 956 -39.40 -22.01 9.87
N LEU A 957 -38.80 -21.04 9.19
CA LEU A 957 -37.80 -21.33 8.16
C LEU A 957 -36.45 -21.77 8.69
N LYS A 958 -35.81 -22.68 7.97
CA LYS A 958 -34.48 -23.15 8.36
C LYS A 958 -33.48 -22.10 7.89
N ILE A 959 -32.39 -21.95 8.63
CA ILE A 959 -31.36 -20.97 8.30
C ILE A 959 -31.09 -20.92 6.80
N SER A 960 -30.76 -22.05 6.20
CA SER A 960 -30.48 -22.09 4.77
C SER A 960 -31.60 -21.43 3.97
N GLU A 961 -32.84 -21.84 4.21
CA GLU A 961 -33.99 -21.28 3.52
C GLU A 961 -34.15 -19.79 3.79
N LEU A 962 -33.90 -19.41 5.04
CA LEU A 962 -33.99 -18.01 5.44
C LEU A 962 -33.01 -17.14 4.67
N VAL A 963 -31.79 -17.65 4.47
CA VAL A 963 -30.76 -16.93 3.75
C VAL A 963 -31.12 -16.78 2.28
N GLU A 964 -31.46 -17.90 1.64
CA GLU A 964 -31.84 -17.88 0.24
C GLU A 964 -32.93 -16.86 -0.05
N GLN A 965 -33.92 -16.77 0.85
CA GLN A 965 -35.02 -15.85 0.66
C GLN A 965 -34.59 -14.39 0.82
N ILE A 966 -34.01 -14.07 1.97
CA ILE A 966 -33.57 -12.71 2.26
C ILE A 966 -32.59 -12.18 1.23
N THR A 967 -31.58 -12.97 0.88
CA THR A 967 -30.60 -12.54 -0.11
C THR A 967 -31.16 -12.63 -1.52
N LYS A 968 -32.35 -13.21 -1.64
CA LYS A 968 -33.01 -13.35 -2.93
C LYS A 968 -32.19 -14.16 -3.92
N LYS A 969 -31.32 -15.03 -3.41
CA LYS A 969 -30.49 -15.86 -4.27
C LYS A 969 -30.39 -17.27 -3.71
N LYS A 970 -30.32 -18.26 -4.59
CA LYS A 970 -30.23 -19.65 -4.16
C LYS A 970 -28.78 -20.11 -3.94
N LEU A 971 -28.58 -20.87 -2.86
CA LEU A 971 -27.27 -21.39 -2.53
C LEU A 971 -26.71 -22.22 -3.67
N GLU A 972 -25.42 -22.49 -3.63
CA GLU A 972 -24.77 -23.29 -4.66
C GLU A 972 -24.74 -24.73 -4.23
N PRO A 973 -24.71 -25.65 -5.19
CA PRO A 973 -24.68 -27.09 -4.87
C PRO A 973 -23.44 -27.51 -4.11
N PHE A 974 -22.34 -26.76 -4.27
CA PHE A 974 -21.10 -27.09 -3.58
C PHE A 974 -21.07 -26.52 -2.17
N ARG A 975 -21.95 -25.56 -1.90
CA ARG A 975 -22.03 -24.93 -0.59
C ARG A 975 -22.24 -26.02 0.47
N LYS A 976 -21.33 -26.09 1.45
CA LYS A 976 -21.45 -27.11 2.49
C LYS A 976 -21.64 -26.52 3.88
N HIS A 977 -21.40 -25.22 4.00
CA HIS A 977 -21.54 -24.54 5.28
C HIS A 977 -22.10 -23.14 5.09
N LEU A 978 -22.48 -22.51 6.19
CA LEU A 978 -23.02 -21.17 6.17
C LEU A 978 -22.47 -20.47 7.39
N VAL A 979 -21.91 -19.28 7.22
CA VAL A 979 -21.36 -18.54 8.35
C VAL A 979 -22.32 -17.43 8.74
N LEU A 980 -22.66 -17.38 10.01
CA LEU A 980 -23.56 -16.36 10.52
C LEU A 980 -22.91 -15.63 11.68
N GLU A 981 -23.27 -14.36 11.82
CA GLU A 981 -22.77 -13.56 12.92
C GLU A 981 -23.98 -13.32 13.81
N ILE A 982 -23.78 -13.37 15.12
CA ILE A 982 -24.90 -13.22 16.03
C ILE A 982 -24.60 -12.31 17.23
N CYS A 983 -25.64 -11.65 17.72
CA CYS A 983 -25.56 -10.76 18.86
C CYS A 983 -26.54 -11.23 19.93
N CYS A 984 -26.08 -11.29 21.17
CA CYS A 984 -26.91 -11.74 22.28
C CYS A 984 -26.90 -10.83 23.49
N ASP A 985 -28.01 -10.86 24.23
CA ASP A 985 -28.13 -10.07 25.44
C ASP A 985 -28.07 -10.92 26.70
N ASP A 986 -27.29 -10.44 27.66
CA ASP A 986 -27.13 -11.10 28.94
C ASP A 986 -28.49 -11.09 29.64
N ALA A 987 -28.76 -12.12 30.41
CA ALA A 987 -30.03 -12.24 31.13
C ALA A 987 -30.47 -10.93 31.78
N ASN A 988 -29.51 -10.04 32.04
CA ASN A 988 -29.79 -8.76 32.66
C ASN A 988 -29.92 -7.66 31.61
N GLY A 989 -30.43 -8.04 30.44
CA GLY A 989 -30.61 -7.08 29.36
C GLY A 989 -29.33 -6.56 28.70
N GLU A 990 -28.21 -6.66 29.42
CA GLU A 990 -26.92 -6.20 28.92
C GLU A 990 -26.51 -7.01 27.68
N ASP A 991 -25.42 -6.62 27.03
CA ASP A 991 -24.95 -7.33 25.85
C ASP A 991 -23.73 -8.20 26.16
N VAL A 992 -23.64 -9.34 25.49
CA VAL A 992 -22.53 -10.25 25.69
C VAL A 992 -21.96 -10.74 24.37
N GLU A 993 -20.70 -10.43 24.11
CA GLU A 993 -20.04 -10.84 22.87
C GLU A 993 -20.10 -12.35 22.71
N VAL A 994 -20.31 -12.79 21.47
CA VAL A 994 -20.39 -14.20 21.19
C VAL A 994 -19.71 -14.53 19.86
N PRO A 995 -19.03 -15.68 19.76
CA PRO A 995 -18.34 -16.09 18.53
C PRO A 995 -19.32 -16.32 17.40
N PHE A 996 -18.80 -16.49 16.18
CA PHE A 996 -19.71 -16.69 15.06
C PHE A 996 -20.27 -18.10 15.02
N ILE A 997 -21.21 -18.32 14.11
CA ILE A 997 -21.86 -19.61 13.98
C ILE A 997 -21.63 -20.26 12.63
N CYS A 998 -21.29 -21.54 12.66
CA CYS A 998 -21.10 -22.30 11.44
C CYS A 998 -22.28 -23.25 11.28
N ILE A 999 -23.08 -23.04 10.25
CA ILE A 999 -24.22 -23.91 10.00
C ILE A 999 -23.78 -24.95 8.99
N LYS A 1000 -23.83 -26.22 9.40
CA LYS A 1000 -23.45 -27.31 8.51
C LYS A 1000 -24.71 -27.69 7.75
N LEU A 1001 -24.77 -27.35 6.46
CA LEU A 1001 -25.93 -27.67 5.64
C LEU A 1001 -26.06 -29.18 5.44
N HIS B 4 9.30 5.45 42.10
CA HIS B 4 8.13 5.13 41.25
C HIS B 4 8.35 5.63 39.83
N HIS B 5 7.33 6.28 39.27
CA HIS B 5 7.41 6.82 37.92
C HIS B 5 8.28 8.07 37.82
N HIS B 6 8.48 8.56 36.60
CA HIS B 6 9.29 9.73 36.39
C HIS B 6 9.21 10.21 34.94
N HIS B 7 9.76 11.39 34.69
CA HIS B 7 9.75 11.97 33.36
C HIS B 7 10.89 11.46 32.48
N MET B 8 10.65 11.41 31.18
CA MET B 8 11.65 10.97 30.21
C MET B 8 11.28 11.42 28.80
N GLN B 9 12.31 11.51 27.96
CA GLN B 9 12.12 11.91 26.57
C GLN B 9 12.23 10.66 25.69
N ILE B 10 11.22 10.40 24.87
CA ILE B 10 11.25 9.25 23.97
C ILE B 10 11.14 9.69 22.51
N PHE B 11 11.54 8.81 21.60
CA PHE B 11 11.49 9.11 20.18
C PHE B 11 10.66 8.09 19.41
N VAL B 12 9.83 8.57 18.49
CA VAL B 12 9.02 7.66 17.69
C VAL B 12 9.42 7.83 16.24
N ARG B 13 10.10 6.83 15.68
CA ARG B 13 10.52 6.91 14.29
C ARG B 13 9.56 6.15 13.39
N THR B 14 9.11 6.77 12.30
CA THR B 14 8.18 6.12 11.38
C THR B 14 8.93 5.34 10.29
N LEU B 15 8.19 4.65 9.44
CA LEU B 15 8.78 3.88 8.35
C LEU B 15 9.38 4.78 7.27
N THR B 16 8.96 6.05 7.22
CA THR B 16 9.51 6.97 6.23
C THR B 16 10.82 7.57 6.70
N GLY B 17 11.15 7.36 7.97
CA GLY B 17 12.38 7.92 8.50
C GLY B 17 12.18 9.14 9.38
N ARG B 18 10.97 9.70 9.34
CA ARG B 18 10.66 10.86 10.17
C ARG B 18 10.81 10.49 11.64
N THR B 19 11.21 11.45 12.47
CA THR B 19 11.38 11.20 13.90
C THR B 19 10.59 12.22 14.74
N ILE B 20 9.65 11.69 15.51
CA ILE B 20 8.78 12.48 16.38
C ILE B 20 9.32 12.43 17.81
N THR B 21 9.60 13.58 18.40
CA THR B 21 10.12 13.61 19.77
C THR B 21 8.99 13.85 20.77
N LEU B 22 8.96 13.08 21.85
CA LEU B 22 7.91 13.25 22.84
C LEU B 22 8.43 13.29 24.26
N GLU B 23 7.81 14.16 25.06
CA GLU B 23 8.14 14.31 26.47
C GLU B 23 7.01 13.55 27.16
N VAL B 24 7.34 12.55 27.97
CA VAL B 24 6.30 11.77 28.63
C VAL B 24 6.69 11.36 30.05
N GLU B 25 5.73 10.75 30.73
CA GLU B 25 5.90 10.24 32.08
C GLU B 25 5.74 8.72 31.95
N SER B 26 6.68 7.97 32.53
CA SER B 26 6.62 6.52 32.46
C SER B 26 5.27 5.97 32.93
N SER B 27 4.48 6.82 33.57
CA SER B 27 3.17 6.41 34.06
C SER B 27 2.10 6.55 32.98
N ASP B 28 2.41 7.31 31.93
CA ASP B 28 1.45 7.50 30.83
C ASP B 28 1.00 6.17 30.26
N THR B 29 -0.27 6.11 29.90
CA THR B 29 -0.84 4.91 29.31
C THR B 29 -0.57 4.93 27.81
N ILE B 30 -0.54 3.75 27.19
CA ILE B 30 -0.30 3.67 25.75
C ILE B 30 -1.40 4.46 25.06
N ASP B 31 -2.58 4.49 25.67
CA ASP B 31 -3.71 5.21 25.12
C ASP B 31 -3.42 6.72 25.08
N ASN B 32 -2.74 7.23 26.11
CA ASN B 32 -2.41 8.66 26.16
C ASN B 32 -1.43 9.00 25.05
N VAL B 33 -0.39 8.19 24.92
CA VAL B 33 0.63 8.41 23.91
C VAL B 33 -0.01 8.45 22.52
N ARG B 34 -0.95 7.55 22.26
CA ARG B 34 -1.61 7.54 20.96
C ARG B 34 -2.36 8.84 20.74
N ALA B 35 -2.95 9.37 21.81
CA ALA B 35 -3.71 10.61 21.73
C ALA B 35 -2.78 11.76 21.31
N ARG B 36 -1.61 11.81 21.89
CA ARG B 36 -0.64 12.85 21.58
C ARG B 36 -0.10 12.72 20.17
N ILE B 37 0.13 11.50 19.72
CA ILE B 37 0.64 11.27 18.38
C ILE B 37 -0.41 11.75 17.39
N GLN B 38 -1.68 11.55 17.74
CA GLN B 38 -2.76 11.98 16.87
C GLN B 38 -2.77 13.51 16.75
N ASP B 39 -2.42 14.21 17.82
CA ASP B 39 -2.39 15.69 17.79
C ASP B 39 -1.22 16.19 16.97
N ARG B 40 -0.06 15.58 17.18
CA ARG B 40 1.17 15.94 16.47
C ARG B 40 1.17 15.55 14.99
N GLU B 41 0.63 14.37 14.67
CA GLU B 41 0.63 13.91 13.28
C GLU B 41 -0.74 13.78 12.64
N GLY B 42 -1.80 13.83 13.44
CA GLY B 42 -3.14 13.69 12.90
C GLY B 42 -3.52 12.24 12.62
N ILE B 43 -2.65 11.33 13.01
CA ILE B 43 -2.88 9.91 12.79
C ILE B 43 -3.80 9.29 13.85
N PRO B 44 -4.95 8.75 13.41
CA PRO B 44 -5.93 8.12 14.31
C PRO B 44 -5.28 7.03 15.14
N PRO B 45 -5.62 6.94 16.43
CA PRO B 45 -5.03 5.90 17.26
C PRO B 45 -5.20 4.50 16.68
N ASP B 46 -6.39 4.20 16.15
CA ASP B 46 -6.68 2.88 15.58
C ASP B 46 -5.74 2.48 14.44
N GLN B 47 -4.94 3.42 13.94
CA GLN B 47 -4.02 3.14 12.85
C GLN B 47 -2.58 3.12 13.33
N GLN B 48 -2.38 3.45 14.59
CA GLN B 48 -1.04 3.52 15.14
C GLN B 48 -0.48 2.19 15.61
N ARG B 49 0.55 1.71 14.91
CA ARG B 49 1.21 0.46 15.29
C ARG B 49 2.55 0.83 15.88
N LEU B 50 2.60 0.89 17.22
CA LEU B 50 3.81 1.26 17.93
C LEU B 50 4.56 0.05 18.43
N ILE B 51 5.87 0.06 18.26
CA ILE B 51 6.71 -1.04 18.68
C ILE B 51 7.86 -0.56 19.53
N PHE B 52 8.12 -1.27 20.61
CA PHE B 52 9.25 -0.95 21.46
C PHE B 52 9.93 -2.23 21.89
N ALA B 53 11.22 -2.33 21.57
CA ALA B 53 12.03 -3.49 21.93
C ALA B 53 11.41 -4.83 21.53
N GLY B 54 10.86 -4.89 20.33
CA GLY B 54 10.28 -6.14 19.84
C GLY B 54 8.84 -6.42 20.22
N ARG B 55 8.18 -5.47 20.85
CA ARG B 55 6.80 -5.66 21.25
C ARG B 55 5.88 -4.58 20.74
N GLN B 56 4.72 -4.98 20.23
CA GLN B 56 3.74 -4.02 19.77
C GLN B 56 2.97 -3.56 21.02
N LEU B 57 2.91 -2.25 21.24
CA LEU B 57 2.25 -1.68 22.40
C LEU B 57 0.74 -1.74 22.30
N GLU B 58 0.09 -2.21 23.35
CA GLU B 58 -1.36 -2.32 23.37
C GLU B 58 -1.98 -1.37 24.37
N ASP B 59 -3.23 -0.99 24.13
CA ASP B 59 -3.95 -0.10 25.03
C ASP B 59 -4.19 -0.79 26.36
N GLY B 60 -4.30 -0.01 27.43
CA GLY B 60 -4.55 -0.58 28.74
C GLY B 60 -3.27 -0.82 29.50
N ARG B 61 -2.13 -0.49 28.88
CA ARG B 61 -0.83 -0.65 29.52
C ARG B 61 -0.16 0.72 29.64
N THR B 62 0.94 0.76 30.39
CA THR B 62 1.69 1.99 30.57
C THR B 62 3.08 1.80 29.97
N LEU B 63 3.74 2.90 29.63
CA LEU B 63 5.08 2.83 29.06
C LEU B 63 5.98 2.01 29.97
N ALA B 64 5.74 2.12 31.27
CA ALA B 64 6.53 1.40 32.26
C ALA B 64 6.36 -0.10 32.08
N ASP B 65 5.16 -0.51 31.70
CA ASP B 65 4.87 -1.92 31.47
C ASP B 65 5.79 -2.54 30.41
N TYR B 66 6.26 -1.72 29.49
CA TYR B 66 7.15 -2.19 28.43
C TYR B 66 8.61 -1.83 28.71
N ASN B 67 8.86 -1.38 29.93
CA ASN B 67 10.20 -1.01 30.37
C ASN B 67 10.80 0.07 29.46
N ILE B 68 9.95 0.99 29.03
CA ILE B 68 10.39 2.09 28.18
C ILE B 68 11.21 3.07 29.01
N GLN B 69 12.50 3.20 28.70
CA GLN B 69 13.43 4.08 29.42
C GLN B 69 13.54 5.50 28.84
N ARG B 70 14.46 6.28 29.39
CA ARG B 70 14.70 7.65 28.93
C ARG B 70 15.49 7.53 27.63
N GLU B 71 15.13 8.35 26.64
CA GLU B 71 15.81 8.33 25.36
C GLU B 71 15.47 7.06 24.57
N SER B 72 14.44 6.34 25.01
CA SER B 72 14.04 5.13 24.30
C SER B 72 13.46 5.50 22.94
N THR B 73 13.69 4.65 21.96
CA THR B 73 13.16 4.89 20.62
C THR B 73 12.11 3.84 20.31
N LEU B 74 10.97 4.30 19.78
CA LEU B 74 9.89 3.41 19.41
C LEU B 74 9.72 3.55 17.91
N HIS B 75 8.99 2.63 17.31
CA HIS B 75 8.74 2.69 15.88
C HIS B 75 7.25 2.73 15.61
N LEU B 76 6.87 3.53 14.62
CA LEU B 76 5.49 3.68 14.23
C LEU B 76 5.50 3.12 12.80
N VAL B 77 4.90 1.95 12.62
CA VAL B 77 4.92 1.31 11.31
C VAL B 77 3.58 1.15 10.62
N LEU B 78 3.63 0.66 9.39
CA LEU B 78 2.41 0.48 8.60
C LEU B 78 2.55 -0.79 7.78
N ARG B 79 1.43 -1.31 7.32
CA ARG B 79 1.43 -2.50 6.49
C ARG B 79 1.36 -2.01 5.05
N LEU B 80 2.03 -2.70 4.14
CA LEU B 80 2.05 -2.31 2.73
C LEU B 80 1.19 -3.24 1.89
N ARG B 81 0.63 -2.71 0.81
CA ARG B 81 -0.27 -3.52 -0.02
C ARG B 81 0.20 -3.99 -1.39
N GLY B 82 1.38 -3.58 -1.82
CA GLY B 82 1.86 -4.03 -3.12
C GLY B 82 2.61 -5.33 -3.03
N GLY B 83 3.15 -5.81 -4.15
CA GLY B 83 3.93 -7.03 -4.13
C GLY B 83 3.26 -8.31 -4.60
N MET C 1 -18.08 -4.96 16.31
CA MET C 1 -17.74 -5.37 14.92
C MET C 1 -18.25 -4.33 13.93
N ALA C 2 -17.85 -4.45 12.67
CA ALA C 2 -18.28 -3.52 11.62
C ALA C 2 -19.77 -3.68 11.34
N LEU C 3 -20.20 -4.92 11.07
CA LEU C 3 -21.59 -5.20 10.80
C LEU C 3 -22.40 -5.08 12.09
N LYS C 4 -21.80 -5.48 13.20
CA LYS C 4 -22.48 -5.40 14.49
C LYS C 4 -22.62 -3.96 14.97
N ARG C 5 -21.72 -3.08 14.55
CA ARG C 5 -21.79 -1.67 14.92
C ARG C 5 -22.94 -1.03 14.15
N ILE C 6 -23.04 -1.35 12.87
CA ILE C 6 -24.10 -0.83 12.03
C ILE C 6 -25.43 -1.29 12.62
N ASN C 7 -25.44 -2.51 13.17
CA ASN C 7 -26.63 -3.07 13.77
C ASN C 7 -26.98 -2.32 15.06
N ARG C 8 -25.98 -2.05 15.89
CA ARG C 8 -26.20 -1.33 17.13
C ARG C 8 -26.85 0.01 16.83
N GLU C 9 -26.39 0.65 15.76
CA GLU C 9 -26.97 1.93 15.39
C GLU C 9 -28.39 1.76 14.89
N LEU C 10 -28.64 0.69 14.16
CA LEU C 10 -29.96 0.41 13.63
C LEU C 10 -30.93 0.20 14.79
N ALA C 11 -30.57 -0.69 15.71
CA ALA C 11 -31.41 -0.97 16.87
C ALA C 11 -31.63 0.28 17.71
N ASP C 12 -30.61 1.13 17.83
CA ASP C 12 -30.74 2.34 18.62
C ASP C 12 -31.62 3.39 17.96
N LEU C 13 -31.83 3.27 16.66
CA LEU C 13 -32.68 4.22 15.94
C LEU C 13 -34.14 4.01 16.33
N GLY C 14 -34.47 2.77 16.68
CA GLY C 14 -35.84 2.46 17.08
C GLY C 14 -36.06 2.74 18.55
N LYS C 15 -34.98 2.96 19.29
CA LYS C 15 -35.07 3.24 20.72
C LYS C 15 -35.02 4.75 20.96
N ASP C 16 -34.93 5.52 19.88
CA ASP C 16 -34.88 6.97 19.99
C ASP C 16 -36.27 7.58 19.84
N PRO C 17 -36.48 8.78 20.39
CA PRO C 17 -37.79 9.45 20.29
C PRO C 17 -38.15 9.72 18.84
N PRO C 18 -39.45 9.69 18.52
CA PRO C 18 -39.91 9.93 17.15
C PRO C 18 -39.25 11.16 16.51
N SER C 19 -38.31 10.91 15.60
CA SER C 19 -37.59 11.98 14.90
C SER C 19 -38.21 12.26 13.54
N SER C 20 -37.81 13.37 12.93
CA SER C 20 -38.33 13.76 11.63
C SER C 20 -37.79 12.89 10.50
N SER C 21 -36.46 12.74 10.46
CA SER C 21 -35.83 11.94 9.42
C SER C 21 -35.97 10.44 9.70
N SER C 22 -35.66 9.63 8.70
CA SER C 22 -35.74 8.18 8.82
C SER C 22 -34.62 7.49 8.06
N ALA C 23 -34.19 6.33 8.53
CA ALA C 23 -33.11 5.60 7.87
C ALA C 23 -33.11 4.11 8.22
N GLY C 24 -32.67 3.29 7.27
CA GLY C 24 -32.62 1.86 7.50
C GLY C 24 -32.16 1.07 6.29
N PRO C 25 -31.74 -0.19 6.50
CA PRO C 25 -31.26 -1.11 5.46
C PRO C 25 -32.14 -1.20 4.22
N VAL C 26 -31.49 -1.45 3.09
CA VAL C 26 -32.18 -1.61 1.82
C VAL C 26 -32.12 -3.10 1.53
N GLY C 27 -33.28 -3.74 1.38
CA GLY C 27 -33.31 -5.17 1.11
C GLY C 27 -32.52 -6.00 2.10
N ASP C 28 -32.55 -5.58 3.36
CA ASP C 28 -31.85 -6.27 4.44
C ASP C 28 -30.34 -6.24 4.29
N ASP C 29 -29.82 -5.21 3.63
CA ASP C 29 -28.38 -5.06 3.45
C ASP C 29 -27.87 -4.05 4.48
N LEU C 30 -27.27 -4.54 5.55
CA LEU C 30 -26.76 -3.67 6.60
C LEU C 30 -25.70 -2.65 6.17
N PHE C 31 -25.18 -2.78 4.95
CA PHE C 31 -24.17 -1.84 4.48
C PHE C 31 -24.71 -0.85 3.45
N HIS C 32 -25.96 -1.02 3.05
CA HIS C 32 -26.59 -0.12 2.10
C HIS C 32 -27.94 0.34 2.63
N TRP C 33 -27.97 1.51 3.24
CA TRP C 33 -29.19 2.07 3.81
C TRP C 33 -29.83 3.14 2.95
N GLN C 34 -31.11 3.39 3.20
CA GLN C 34 -31.84 4.45 2.52
C GLN C 34 -32.31 5.36 3.64
N ALA C 35 -32.17 6.66 3.46
CA ALA C 35 -32.61 7.59 4.48
C ALA C 35 -33.52 8.62 3.85
N THR C 36 -34.27 9.31 4.70
CA THR C 36 -35.16 10.37 4.27
C THR C 36 -34.97 11.50 5.27
N ILE C 37 -34.92 12.72 4.76
CA ILE C 37 -34.78 13.90 5.60
C ILE C 37 -35.90 14.82 5.21
N MET C 38 -36.69 15.25 6.19
CA MET C 38 -37.80 16.15 5.91
C MET C 38 -37.20 17.53 5.66
N GLY C 39 -37.70 18.22 4.65
CA GLY C 39 -37.19 19.56 4.40
C GLY C 39 -37.56 20.35 5.64
N PRO C 40 -36.61 21.05 6.27
CA PRO C 40 -36.89 21.82 7.49
C PRO C 40 -38.01 22.85 7.31
N ALA C 41 -38.86 22.97 8.31
CA ALA C 41 -39.98 23.90 8.28
C ALA C 41 -39.49 25.34 8.11
N ASP C 42 -38.36 25.65 8.72
CA ASP C 42 -37.78 26.99 8.66
C ASP C 42 -36.92 27.22 7.41
N SER C 43 -37.25 26.55 6.31
CA SER C 43 -36.46 26.70 5.09
C SER C 43 -37.30 26.57 3.83
N PRO C 44 -36.71 26.92 2.67
CA PRO C 44 -37.43 26.83 1.41
C PRO C 44 -37.58 25.36 0.97
N TYR C 45 -37.15 24.45 1.84
CA TYR C 45 -37.23 23.03 1.56
C TYR C 45 -38.42 22.40 2.28
N ALA C 46 -39.12 23.20 3.10
CA ALA C 46 -40.28 22.72 3.84
C ALA C 46 -41.30 22.06 2.90
N GLY C 47 -41.84 20.93 3.33
CA GLY C 47 -42.83 20.23 2.52
C GLY C 47 -42.20 19.12 1.70
N GLY C 48 -40.90 19.26 1.44
CA GLY C 48 -40.21 18.27 0.65
C GLY C 48 -39.69 17.13 1.49
N VAL C 49 -39.56 15.97 0.87
CA VAL C 49 -39.02 14.78 1.51
C VAL C 49 -37.81 14.42 0.65
N PHE C 50 -36.64 14.41 1.29
CA PHE C 50 -35.41 14.12 0.57
C PHE C 50 -34.79 12.77 0.90
N PHE C 51 -34.67 11.95 -0.14
CA PHE C 51 -34.11 10.62 -0.04
C PHE C 51 -32.58 10.66 -0.18
N LEU C 52 -31.90 9.81 0.58
CA LEU C 52 -30.44 9.73 0.51
C LEU C 52 -30.03 8.27 0.50
N SER C 53 -28.88 7.98 -0.11
CA SER C 53 -28.37 6.62 -0.13
C SER C 53 -27.18 6.63 0.82
N ILE C 54 -27.03 5.55 1.58
CA ILE C 54 -25.93 5.46 2.53
C ILE C 54 -25.17 4.14 2.39
N HIS C 55 -23.89 4.24 2.08
CA HIS C 55 -23.06 3.05 1.96
C HIS C 55 -21.97 3.08 3.03
N PHE C 56 -21.98 2.08 3.91
CA PHE C 56 -21.00 1.98 4.98
C PHE C 56 -19.78 1.22 4.47
N PRO C 57 -18.57 1.70 4.79
CA PRO C 57 -17.35 1.03 4.34
C PRO C 57 -17.05 -0.20 5.19
N THR C 58 -16.41 -1.21 4.59
CA THR C 58 -16.08 -2.43 5.30
C THR C 58 -15.40 -2.15 6.64
N ASP C 59 -14.71 -1.01 6.76
CA ASP C 59 -14.05 -0.69 8.02
C ASP C 59 -14.74 0.43 8.80
N TYR C 60 -16.08 0.43 8.76
CA TYR C 60 -16.88 1.39 9.50
C TYR C 60 -16.77 0.92 10.96
N PRO C 61 -16.80 1.84 11.94
CA PRO C 61 -16.93 3.30 11.91
C PRO C 61 -15.58 4.02 11.88
N PHE C 62 -14.51 3.29 11.59
CA PHE C 62 -13.19 3.91 11.54
C PHE C 62 -13.12 4.80 10.32
N LYS C 63 -13.84 4.44 9.27
CA LYS C 63 -13.90 5.22 8.04
C LYS C 63 -15.35 5.70 7.89
N PRO C 64 -15.54 6.96 7.46
CA PRO C 64 -16.89 7.53 7.28
C PRO C 64 -17.74 6.86 6.19
N PRO C 65 -19.07 7.01 6.30
CA PRO C 65 -19.97 6.41 5.30
C PRO C 65 -20.13 7.34 4.11
N LYS C 66 -20.47 6.76 2.96
CA LYS C 66 -20.69 7.54 1.75
C LYS C 66 -22.17 7.89 1.73
N VAL C 67 -22.47 9.18 1.84
CA VAL C 67 -23.86 9.63 1.83
C VAL C 67 -24.09 10.44 0.56
N ASN C 68 -25.14 10.09 -0.17
CA ASN C 68 -25.48 10.75 -1.42
C ASN C 68 -26.97 11.09 -1.49
N PHE C 69 -27.32 12.24 -2.06
CA PHE C 69 -28.71 12.63 -2.21
C PHE C 69 -29.24 11.99 -3.48
N THR C 70 -30.40 11.36 -3.41
CA THR C 70 -30.99 10.75 -4.59
C THR C 70 -32.15 11.62 -5.08
N THR C 71 -32.53 12.60 -4.27
CA THR C 71 -33.60 13.54 -4.59
C THR C 71 -32.93 14.84 -5.00
N ARG C 72 -33.33 15.41 -6.12
CA ARG C 72 -32.73 16.67 -6.58
C ARG C 72 -33.04 17.77 -5.58
N ILE C 73 -32.09 18.69 -5.40
CA ILE C 73 -32.28 19.79 -4.47
C ILE C 73 -31.43 21.00 -4.86
N TYR C 74 -32.02 22.18 -4.82
CA TYR C 74 -31.33 23.42 -5.15
C TYR C 74 -30.59 23.85 -3.89
N HIS C 75 -29.30 23.55 -3.81
CA HIS C 75 -28.53 23.90 -2.64
C HIS C 75 -27.05 24.12 -2.99
N PRO C 76 -26.40 25.09 -2.34
CA PRO C 76 -24.99 25.48 -2.52
C PRO C 76 -23.96 24.40 -2.27
N ASN C 77 -24.27 23.45 -1.40
CA ASN C 77 -23.32 22.40 -1.06
C ASN C 77 -23.73 21.01 -1.51
N ILE C 78 -24.63 20.94 -2.46
CA ILE C 78 -25.10 19.66 -2.99
C ILE C 78 -25.28 19.83 -4.48
N ASN C 79 -24.71 18.93 -5.27
CA ASN C 79 -24.81 19.03 -6.73
C ASN C 79 -25.78 18.04 -7.36
N SER C 80 -25.93 18.14 -8.68
CA SER C 80 -26.86 17.29 -9.42
C SER C 80 -26.54 15.80 -9.27
N ASN C 81 -25.37 15.48 -8.74
CA ASN C 81 -24.96 14.10 -8.54
C ASN C 81 -25.36 13.59 -7.15
N GLY C 82 -25.71 14.51 -6.25
CA GLY C 82 -26.09 14.13 -4.92
C GLY C 82 -24.93 14.31 -3.95
N SER C 83 -23.75 14.58 -4.50
CA SER C 83 -22.55 14.78 -3.67
C SER C 83 -22.78 15.91 -2.68
N ILE C 84 -22.17 15.80 -1.50
CA ILE C 84 -22.32 16.81 -0.47
C ILE C 84 -20.99 17.22 0.11
N CYS C 85 -20.80 18.52 0.35
CA CYS C 85 -19.57 18.99 0.96
C CYS C 85 -19.96 19.29 2.40
N LEU C 86 -19.61 18.37 3.29
CA LEU C 86 -19.91 18.51 4.70
C LEU C 86 -18.77 17.94 5.52
N ASP C 87 -18.24 18.75 6.43
CA ASP C 87 -17.12 18.37 7.28
C ASP C 87 -17.24 17.01 7.96
N ILE C 88 -18.37 16.77 8.61
CA ILE C 88 -18.58 15.52 9.33
C ILE C 88 -18.45 14.29 8.44
N LEU C 89 -18.65 14.45 7.14
CA LEU C 89 -18.55 13.32 6.22
C LEU C 89 -17.12 12.98 5.83
N ARG C 90 -16.18 13.85 6.16
CA ARG C 90 -14.78 13.58 5.81
C ARG C 90 -13.80 13.78 6.97
N ASP C 91 -13.19 14.97 7.04
CA ASP C 91 -12.19 15.27 8.06
C ASP C 91 -12.69 15.45 9.49
N GLN C 92 -13.99 15.63 9.65
CA GLN C 92 -14.57 15.81 10.97
C GLN C 92 -15.21 14.52 11.46
N TRP C 93 -14.88 13.41 10.79
CA TRP C 93 -15.44 12.12 11.15
C TRP C 93 -14.57 11.32 12.11
N SER C 94 -15.22 10.68 13.07
CA SER C 94 -14.55 9.83 14.06
C SER C 94 -15.49 8.66 14.36
N PRO C 95 -14.93 7.52 14.79
CA PRO C 95 -15.73 6.34 15.10
C PRO C 95 -16.88 6.59 16.08
N ALA C 96 -16.79 7.69 16.83
CA ALA C 96 -17.81 8.06 17.81
C ALA C 96 -19.11 8.55 17.19
N LEU C 97 -19.01 9.21 16.04
CA LEU C 97 -20.19 9.74 15.35
C LEU C 97 -21.08 8.61 14.83
N THR C 98 -22.30 8.96 14.43
CA THR C 98 -23.25 7.98 13.93
C THR C 98 -24.07 8.54 12.77
N ILE C 99 -24.92 7.70 12.18
CA ILE C 99 -25.77 8.15 11.07
C ILE C 99 -26.74 9.21 11.57
N SER C 100 -27.27 9.02 12.77
CA SER C 100 -28.20 9.99 13.35
C SER C 100 -27.55 11.36 13.37
N LYS C 101 -26.29 11.39 13.82
CA LYS C 101 -25.53 12.64 13.89
C LYS C 101 -25.38 13.21 12.48
N VAL C 102 -25.12 12.33 11.52
CA VAL C 102 -24.95 12.77 10.14
C VAL C 102 -26.25 13.35 9.57
N LEU C 103 -27.34 12.62 9.71
CA LEU C 103 -28.62 13.09 9.21
C LEU C 103 -28.96 14.46 9.81
N LEU C 104 -28.69 14.62 11.10
CA LEU C 104 -28.96 15.90 11.75
C LEU C 104 -28.06 16.98 11.16
N SER C 105 -26.84 16.60 10.80
CA SER C 105 -25.89 17.54 10.22
C SER C 105 -26.42 17.97 8.84
N ILE C 106 -26.85 17.00 8.06
CA ILE C 106 -27.39 17.27 6.73
C ILE C 106 -28.65 18.13 6.84
N SER C 107 -29.46 17.85 7.86
CA SER C 107 -30.69 18.63 8.06
C SER C 107 -30.35 20.08 8.43
N SER C 108 -29.29 20.27 9.22
CA SER C 108 -28.86 21.59 9.64
C SER C 108 -28.26 22.38 8.47
N LEU C 109 -27.60 21.67 7.56
CA LEU C 109 -26.99 22.29 6.40
C LEU C 109 -28.10 22.82 5.49
N LEU C 110 -29.24 22.14 5.50
CA LEU C 110 -30.37 22.54 4.68
C LEU C 110 -30.93 23.88 5.16
N THR C 111 -31.10 24.04 6.47
CA THR C 111 -31.63 25.29 6.99
C THR C 111 -30.54 26.38 7.00
N ASP C 112 -29.28 25.97 7.03
CA ASP C 112 -28.17 26.93 7.01
C ASP C 112 -27.08 26.53 6.01
N PRO C 113 -27.28 26.85 4.72
CA PRO C 113 -26.29 26.50 3.70
C PRO C 113 -24.96 27.18 4.01
N ASN C 114 -23.87 26.66 3.45
CA ASN C 114 -22.55 27.24 3.68
C ASN C 114 -21.99 27.79 2.36
N PRO C 115 -22.34 29.03 2.01
CA PRO C 115 -21.88 29.66 0.76
C PRO C 115 -20.37 29.87 0.62
N ASP C 116 -19.64 29.84 1.72
CA ASP C 116 -18.20 30.03 1.66
C ASP C 116 -17.45 28.78 1.20
N ASP C 117 -18.09 27.63 1.29
CA ASP C 117 -17.49 26.37 0.87
C ASP C 117 -18.42 25.76 -0.19
N PRO C 118 -18.59 26.49 -1.31
CA PRO C 118 -19.44 26.08 -2.43
C PRO C 118 -19.05 24.87 -3.26
N LEU C 119 -20.05 24.06 -3.58
CA LEU C 119 -19.86 22.89 -4.41
C LEU C 119 -20.51 23.27 -5.74
N VAL C 120 -21.45 24.22 -5.65
CA VAL C 120 -22.15 24.75 -6.83
C VAL C 120 -22.09 26.27 -6.68
N PRO C 121 -21.00 26.90 -7.15
CA PRO C 121 -20.78 28.34 -7.08
C PRO C 121 -21.94 29.21 -7.57
N GLU C 122 -22.64 28.74 -8.59
CA GLU C 122 -23.76 29.49 -9.13
C GLU C 122 -24.85 29.69 -8.07
N ILE C 123 -25.23 28.60 -7.41
CA ILE C 123 -26.26 28.68 -6.37
C ILE C 123 -25.78 29.47 -5.16
N ALA C 124 -24.53 29.25 -4.75
CA ALA C 124 -23.98 29.96 -3.61
C ALA C 124 -23.94 31.47 -3.89
N HIS C 125 -23.68 31.83 -5.15
CA HIS C 125 -23.64 33.22 -5.53
C HIS C 125 -24.99 33.89 -5.29
N VAL C 126 -26.06 33.21 -5.71
CA VAL C 126 -27.41 33.74 -5.52
C VAL C 126 -27.73 33.83 -4.03
N TYR C 127 -27.34 32.80 -3.28
CA TYR C 127 -27.57 32.78 -1.84
C TYR C 127 -26.97 34.02 -1.21
N LYS C 128 -25.78 34.38 -1.66
CA LYS C 128 -25.04 35.54 -1.13
C LYS C 128 -25.54 36.91 -1.59
N THR C 129 -25.89 37.05 -2.86
CA THR C 129 -26.32 38.35 -3.36
C THR C 129 -27.83 38.60 -3.43
N ASP C 130 -28.61 37.54 -3.60
CA ASP C 130 -30.06 37.69 -3.68
C ASP C 130 -30.76 36.53 -3.00
N ARG C 131 -30.76 36.55 -1.67
CA ARG C 131 -31.36 35.51 -0.87
C ARG C 131 -32.80 35.16 -1.26
N SER C 132 -33.61 36.17 -1.57
CA SER C 132 -34.99 35.91 -1.95
C SER C 132 -35.10 35.14 -3.26
N ARG C 133 -34.17 35.39 -4.18
CA ARG C 133 -34.18 34.68 -5.48
C ARG C 133 -33.80 33.23 -5.24
N TYR C 134 -32.90 33.00 -4.29
CA TYR C 134 -32.46 31.65 -3.96
C TYR C 134 -33.60 30.86 -3.32
N GLU C 135 -34.29 31.49 -2.37
CA GLU C 135 -35.39 30.83 -1.68
C GLU C 135 -36.52 30.49 -2.64
N LEU C 136 -36.75 31.35 -3.63
CA LEU C 136 -37.79 31.08 -4.61
C LEU C 136 -37.40 29.83 -5.40
N SER C 137 -36.17 29.81 -5.87
CA SER C 137 -35.65 28.67 -6.63
C SER C 137 -35.63 27.42 -5.77
N ALA C 138 -35.22 27.56 -4.51
CA ALA C 138 -35.17 26.43 -3.61
C ALA C 138 -36.58 25.87 -3.41
N ARG C 139 -37.55 26.76 -3.17
CA ARG C 139 -38.93 26.32 -2.97
C ARG C 139 -39.49 25.68 -4.25
N GLU C 140 -39.20 26.28 -5.40
CA GLU C 140 -39.69 25.74 -6.66
C GLU C 140 -39.10 24.35 -6.93
N TRP C 141 -37.80 24.21 -6.69
CA TRP C 141 -37.14 22.91 -6.89
C TRP C 141 -37.70 21.86 -5.95
N THR C 142 -38.04 22.27 -4.73
CA THR C 142 -38.62 21.38 -3.74
C THR C 142 -39.97 20.91 -4.27
N ARG C 143 -40.72 21.84 -4.85
CA ARG C 143 -42.03 21.55 -5.41
C ARG C 143 -41.97 20.60 -6.60
N LYS C 144 -40.98 20.81 -7.46
CA LYS C 144 -40.81 19.99 -8.65
C LYS C 144 -40.23 18.60 -8.41
N TYR C 145 -39.35 18.46 -7.42
CA TYR C 145 -38.70 17.17 -7.20
C TYR C 145 -38.84 16.50 -5.83
N ALA C 146 -39.11 17.27 -4.78
CA ALA C 146 -39.16 16.71 -3.44
C ALA C 146 -40.54 16.44 -2.83
N ILE C 147 -41.58 16.40 -3.66
CA ILE C 147 -42.92 16.15 -3.15
C ILE C 147 -43.35 14.73 -3.46
N HIS C 148 -42.56 14.04 -4.26
CA HIS C 148 -42.84 12.66 -4.63
C HIS C 148 -44.17 12.49 -5.35
N GLY C 149 -44.23 11.50 -6.25
CA GLY C 149 -45.45 11.26 -7.00
C GLY C 149 -46.30 10.16 -6.38
MG MG D . -0.21 -4.79 -8.85
MG MG E . -0.40 -7.24 -14.01
PG ATP F . 1.96 -4.05 -11.49
O1G ATP F . 1.19 -3.88 -12.76
O2G ATP F . 3.33 -3.39 -11.54
O3G ATP F . 1.22 -3.58 -10.27
PB ATP F . 1.32 -6.91 -11.16
O1B ATP F . 1.44 -7.69 -12.42
O2B ATP F . 0.01 -6.46 -10.60
O3B ATP F . 2.33 -5.64 -11.33
PA ATP F . 2.42 -7.53 -8.57
O1A ATP F . 3.91 -7.72 -8.48
O2A ATP F . 1.83 -6.28 -8.04
O3A ATP F . 2.13 -7.79 -10.12
O5' ATP F . 1.82 -8.85 -7.85
C5' ATP F . 0.44 -8.93 -7.52
C4' ATP F . -0.06 -10.27 -8.06
O4' ATP F . -1.21 -10.72 -7.30
C3' ATP F . -0.50 -10.14 -9.52
O3' ATP F . 0.14 -11.15 -10.35
C2' ATP F . -2.03 -10.25 -9.42
O2' ATP F . -2.73 -10.72 -10.55
C1' ATP F . -2.21 -11.14 -8.21
N9 ATP F . -3.57 -10.98 -7.62
C8 ATP F . -4.21 -9.85 -7.29
N7 ATP F . -5.42 -10.12 -6.77
C5 ATP F . -5.56 -11.46 -6.76
C6 ATP F . -6.60 -12.44 -6.32
N6 ATP F . -7.77 -12.00 -5.80
N1 ATP F . -6.35 -13.78 -6.48
C2 ATP F . -5.18 -14.24 -7.01
N3 ATP F . -4.19 -13.39 -7.41
C4 ATP F . -4.33 -12.03 -7.31
O2 PG0 G . 13.25 -13.35 10.77
C4 PG0 G . 12.89 -12.57 11.82
C3 PG0 G . 13.94 -12.12 12.79
O1 PG0 G . 13.43 -11.34 13.80
C2 PG0 G . 14.12 -11.24 14.98
C1 PG0 G . 14.86 -9.96 15.13
OTT PG0 G . 16.07 -9.82 14.54
C1 EDO H . 37.39 -29.33 11.57
O1 EDO H . 36.33 -29.58 12.37
C2 EDO H . 37.01 -28.55 10.38
O2 EDO H . 37.17 -29.19 9.24
C1 EDO I . 17.99 0.44 -20.81
O1 EDO I . 17.29 1.20 -19.95
C2 EDO I . 18.56 1.23 -21.93
O2 EDO I . 17.63 1.82 -22.69
C1 EDO J . -15.06 -15.78 10.32
O1 EDO J . -15.07 -16.37 9.10
C2 EDO J . -16.21 -14.87 10.51
O2 EDO J . -16.13 -14.10 11.60
C1 EDO K . -16.35 -18.03 4.72
O1 EDO K . -16.30 -19.34 5.04
C2 EDO K . -15.56 -17.20 5.66
O2 EDO K . -16.26 -16.25 6.27
C1 EDO L . 26.24 -19.50 2.41
O1 EDO L . 27.55 -19.78 2.16
C2 EDO L . 25.46 -19.25 1.18
O2 EDO L . 25.61 -18.04 0.66
C1 EDO M . 33.65 -5.80 -17.08
O1 EDO M . 34.21 -6.96 -16.68
C2 EDO M . 34.63 -4.70 -17.12
O2 EDO M . 35.23 -4.45 -15.96
S SO4 N . 15.36 12.24 -11.10
O1 SO4 N . 16.50 13.06 -10.63
O2 SO4 N . 14.14 13.07 -11.16
O3 SO4 N . 15.14 11.13 -10.14
O4 SO4 N . 15.66 11.69 -12.43
S SO4 O . 35.19 -30.96 6.70
O1 SO4 O . 33.95 -31.22 5.95
O2 SO4 O . 34.94 -31.12 8.15
O3 SO4 O . 35.65 -29.60 6.43
O4 SO4 O . 36.22 -31.93 6.28
S SO4 P . -35.01 19.28 -15.80
O1 SO4 P . -35.56 20.06 -16.91
O2 SO4 P . -36.05 19.08 -14.78
O3 SO4 P . -33.86 19.99 -15.21
O4 SO4 P . -34.55 17.96 -16.30
C1 EDO Q . -0.23 -6.71 13.20
O1 EDO Q . -0.62 -6.97 14.47
C2 EDO Q . 0.98 -5.87 13.13
O2 EDO Q . 0.82 -4.66 13.66
S SO4 R . 2.95 17.26 22.67
O1 SO4 R . 4.37 16.95 22.90
O2 SO4 R . 2.82 18.13 21.49
O3 SO4 R . 2.39 17.95 23.86
O4 SO4 R . 2.20 16.01 22.43
#